data_3GDR
#
_entry.id   3GDR
#
_cell.length_a   84.122
_cell.length_b   99.145
_cell.length_c   126.649
_cell.angle_alpha   90.00
_cell.angle_beta   90.00
_cell.angle_gamma   90.00
#
_symmetry.space_group_name_H-M   'P 21 21 21'
#
loop_
_entity.id
_entity.type
_entity.pdbx_description
1 polymer "Orotidine 5'-phosphate decarboxylase"
2 water water
#
_entity_poly.entity_id   1
_entity_poly.type   'polypeptide(L)'
_entity_poly.pdbx_seq_one_letter_code
;MSKATYKERAATHPSPVAAKLFNIMHEKQTNLCASLDVRTTKELLELVEALGPKICLLKTHVDILTDFSMEGTVKPLKAL
SAKYNFLLFENRKFADIGNTVKLQYSAGVYRIAEWADITNAHGVVGPGIVSGLKQAAEEVTKEPRGLLMLAELSCKGSLA
TGEYTKGTVDIAKSDKDFVIGFIAQRDMGGRDEGYDWLIMTPGVGLDDKGDALGQQYRTVDDVVSTGSDIIIVGRGLFAK
GRDAKVEGERYRKAGWEAYLRRCGQQN
;
_entity_poly.pdbx_strand_id   A,B,C,D
#
# COMPACT_ATOMS: atom_id res chain seq x y z
N LYS A 3 12.23 -43.35 -19.13
CA LYS A 3 12.56 -43.30 -17.67
C LYS A 3 11.84 -44.43 -16.95
N ALA A 4 12.35 -44.78 -15.77
CA ALA A 4 11.72 -45.82 -14.96
C ALA A 4 10.43 -45.22 -14.43
N THR A 5 9.61 -46.04 -13.80
CA THR A 5 8.33 -45.59 -13.26
C THR A 5 8.53 -44.71 -12.03
N TYR A 6 7.50 -43.95 -11.64
CA TYR A 6 7.62 -43.10 -10.47
C TYR A 6 7.93 -43.96 -9.25
N LYS A 7 7.25 -45.10 -9.14
CA LYS A 7 7.47 -46.00 -8.00
C LYS A 7 8.92 -46.44 -7.92
N GLU A 8 9.48 -46.86 -9.05
CA GLU A 8 10.88 -47.30 -9.07
C GLU A 8 11.85 -46.16 -8.73
N ARG A 9 11.55 -44.96 -9.22
CA ARG A 9 12.42 -43.82 -8.96
C ARG A 9 12.44 -43.43 -7.48
N ALA A 10 11.30 -43.61 -6.81
CA ALA A 10 11.20 -43.30 -5.38
C ALA A 10 12.08 -44.22 -4.54
N ALA A 11 12.13 -45.49 -4.94
CA ALA A 11 12.90 -46.50 -4.21
C ALA A 11 14.41 -46.33 -4.28
N THR A 12 14.91 -45.59 -5.26
CA THR A 12 16.36 -45.42 -5.39
C THR A 12 16.82 -43.97 -5.32
N HIS A 13 15.90 -43.04 -5.08
CA HIS A 13 16.30 -41.65 -5.05
C HIS A 13 17.05 -41.24 -3.78
N PRO A 14 18.16 -40.50 -3.94
CA PRO A 14 18.98 -40.03 -2.82
C PRO A 14 18.31 -38.94 -1.98
N SER A 15 17.39 -38.20 -2.58
CA SER A 15 16.70 -37.12 -1.87
C SER A 15 15.41 -37.62 -1.21
N PRO A 16 15.30 -37.49 0.12
CA PRO A 16 14.09 -37.95 0.80
C PRO A 16 12.83 -37.20 0.36
N VAL A 17 13.01 -35.95 -0.06
CA VAL A 17 11.86 -35.17 -0.52
C VAL A 17 11.37 -35.70 -1.87
N ALA A 18 12.30 -36.02 -2.75
CA ALA A 18 11.93 -36.55 -4.06
C ALA A 18 11.32 -37.94 -3.90
N ALA A 19 11.86 -38.72 -2.97
CA ALA A 19 11.35 -40.05 -2.73
C ALA A 19 9.90 -39.94 -2.24
N LYS A 20 9.67 -39.01 -1.33
CA LYS A 20 8.32 -38.81 -0.79
C LYS A 20 7.36 -38.39 -1.91
N LEU A 21 7.81 -37.49 -2.78
CA LEU A 21 6.97 -37.02 -3.89
C LEU A 21 6.68 -38.10 -4.93
N PHE A 22 7.68 -38.89 -5.32
CA PHE A 22 7.45 -39.96 -6.29
C PHE A 22 6.45 -40.98 -5.74
N ASN A 23 6.54 -41.25 -4.44
CA ASN A 23 5.62 -42.21 -3.81
C ASN A 23 4.20 -41.65 -3.76
N ILE A 24 4.07 -40.35 -3.54
CA ILE A 24 2.76 -39.70 -3.52
C ILE A 24 2.13 -39.83 -4.90
N MET A 25 2.94 -39.59 -5.93
CA MET A 25 2.49 -39.69 -7.31
C MET A 25 1.98 -41.09 -7.63
N HIS A 26 2.74 -42.10 -7.26
CA HIS A 26 2.34 -43.47 -7.52
C HIS A 26 1.05 -43.85 -6.78
N GLU A 27 1.05 -43.60 -5.47
CA GLU A 27 -0.08 -43.94 -4.62
C GLU A 27 -1.39 -43.23 -4.93
N LYS A 28 -1.32 -42.01 -5.45
CA LYS A 28 -2.53 -41.26 -5.79
C LYS A 28 -2.78 -41.24 -7.30
N GLN A 29 -1.90 -41.89 -8.05
CA GLN A 29 -2.01 -41.95 -9.50
C GLN A 29 -2.11 -40.54 -10.10
N THR A 30 -1.22 -39.65 -9.69
CA THR A 30 -1.24 -38.30 -10.22
C THR A 30 0.15 -37.68 -10.38
N ASN A 31 0.29 -36.83 -11.38
CA ASN A 31 1.55 -36.14 -11.59
C ASN A 31 1.18 -34.68 -11.80
N LEU A 32 0.04 -34.31 -11.20
CA LEU A 32 -0.46 -32.94 -11.32
C LEU A 32 -0.08 -32.01 -10.18
N CYS A 33 0.38 -30.82 -10.54
CA CYS A 33 0.73 -29.79 -9.58
C CYS A 33 -0.23 -28.63 -9.86
N ALA A 34 -0.97 -28.22 -8.84
CA ALA A 34 -1.89 -27.10 -8.98
C ALA A 34 -1.18 -25.81 -8.58
N SER A 35 -1.11 -24.86 -9.51
CA SER A 35 -0.48 -23.57 -9.26
C SER A 35 -1.58 -22.56 -8.98
N LEU A 36 -1.75 -22.22 -7.71
CA LEU A 36 -2.82 -21.30 -7.30
C LEU A 36 -2.33 -19.91 -6.91
N ASP A 37 -2.45 -18.97 -7.83
CA ASP A 37 -2.02 -17.61 -7.57
C ASP A 37 -3.23 -16.71 -7.34
N VAL A 38 -3.91 -16.92 -6.22
CA VAL A 38 -5.09 -16.13 -5.88
C VAL A 38 -4.72 -15.02 -4.90
N ARG A 39 -5.62 -14.06 -4.73
CA ARG A 39 -5.35 -12.93 -3.84
C ARG A 39 -5.68 -13.11 -2.37
N THR A 40 -6.56 -14.05 -2.04
CA THR A 40 -6.93 -14.25 -0.64
C THR A 40 -6.75 -15.67 -0.13
N THR A 41 -6.39 -15.78 1.15
CA THR A 41 -6.20 -17.07 1.80
C THR A 41 -7.49 -17.89 1.74
N LYS A 42 -8.63 -17.22 1.91
CA LYS A 42 -9.91 -17.91 1.89
C LYS A 42 -10.10 -18.68 0.59
N GLU A 43 -9.87 -18.01 -0.55
CA GLU A 43 -10.02 -18.68 -1.83
C GLU A 43 -8.96 -19.76 -1.98
N LEU A 44 -7.76 -19.49 -1.47
CA LEU A 44 -6.68 -20.47 -1.56
C LEU A 44 -7.08 -21.77 -0.86
N LEU A 45 -7.48 -21.66 0.40
CA LEU A 45 -7.87 -22.82 1.18
C LEU A 45 -9.06 -23.57 0.57
N GLU A 46 -9.99 -22.83 -0.04
CA GLU A 46 -11.15 -23.49 -0.65
C GLU A 46 -10.70 -24.32 -1.84
N LEU A 47 -9.84 -23.76 -2.69
CA LEU A 47 -9.34 -24.46 -3.86
C LEU A 47 -8.46 -25.64 -3.50
N VAL A 48 -7.57 -25.47 -2.52
CA VAL A 48 -6.71 -26.56 -2.10
C VAL A 48 -7.56 -27.73 -1.60
N GLU A 49 -8.65 -27.41 -0.91
CA GLU A 49 -9.55 -28.44 -0.38
C GLU A 49 -10.12 -29.26 -1.55
N ALA A 50 -10.58 -28.56 -2.59
CA ALA A 50 -11.16 -29.23 -3.76
C ALA A 50 -10.15 -30.01 -4.59
N LEU A 51 -8.93 -29.48 -4.70
CA LEU A 51 -7.89 -30.11 -5.50
C LEU A 51 -7.03 -31.15 -4.77
N GLY A 52 -7.00 -31.06 -3.45
CA GLY A 52 -6.21 -31.98 -2.63
C GLY A 52 -6.08 -33.42 -3.09
N PRO A 53 -7.19 -34.13 -3.29
CA PRO A 53 -7.19 -35.53 -3.75
C PRO A 53 -6.60 -35.77 -5.13
N LYS A 54 -6.54 -34.72 -5.94
CA LYS A 54 -6.07 -34.81 -7.32
C LYS A 54 -4.63 -34.44 -7.62
N ILE A 55 -3.93 -33.86 -6.65
CA ILE A 55 -2.56 -33.40 -6.87
C ILE A 55 -1.48 -34.08 -6.05
N CYS A 56 -0.23 -33.92 -6.49
CA CYS A 56 0.91 -34.47 -5.77
C CYS A 56 1.67 -33.28 -5.21
N LEU A 57 1.37 -32.10 -5.76
CA LEU A 57 2.07 -30.88 -5.37
C LEU A 57 1.22 -29.63 -5.53
N LEU A 58 1.37 -28.71 -4.58
CA LEU A 58 0.65 -27.44 -4.62
C LEU A 58 1.68 -26.33 -4.71
N LYS A 59 1.57 -25.49 -5.73
CA LYS A 59 2.49 -24.37 -5.87
C LYS A 59 1.79 -23.12 -5.34
N THR A 60 2.31 -22.59 -4.24
CA THR A 60 1.74 -21.39 -3.62
C THR A 60 2.42 -20.12 -4.15
N HIS A 61 1.78 -18.98 -3.92
CA HIS A 61 2.31 -17.69 -4.35
C HIS A 61 2.04 -16.71 -3.22
N VAL A 62 2.79 -16.86 -2.13
CA VAL A 62 2.59 -16.00 -0.97
C VAL A 62 2.74 -14.51 -1.19
N ASP A 63 3.62 -14.10 -2.11
CA ASP A 63 3.80 -12.68 -2.35
C ASP A 63 2.57 -11.93 -2.86
N ILE A 64 1.63 -12.63 -3.51
CA ILE A 64 0.45 -11.94 -4.01
C ILE A 64 -0.73 -12.01 -3.05
N LEU A 65 -0.60 -12.81 -1.99
CA LEU A 65 -1.67 -12.91 -1.00
C LEU A 65 -1.81 -11.58 -0.28
N THR A 66 -3.04 -11.14 -0.10
CA THR A 66 -3.27 -9.86 0.58
C THR A 66 -3.49 -10.04 2.07
N ASP A 67 -3.62 -11.28 2.52
CA ASP A 67 -3.84 -11.57 3.93
C ASP A 67 -3.02 -12.73 4.49
N PHE A 68 -1.76 -12.85 4.06
CA PHE A 68 -0.91 -13.94 4.55
C PHE A 68 -0.65 -13.88 6.04
N SER A 69 -0.72 -15.04 6.69
CA SER A 69 -0.45 -15.17 8.12
C SER A 69 -0.05 -16.62 8.38
N MET A 70 0.89 -16.83 9.30
CA MET A 70 1.32 -18.17 9.63
C MET A 70 0.15 -18.96 10.22
N GLU A 71 -0.63 -18.29 11.07
CA GLU A 71 -1.79 -18.91 11.70
C GLU A 71 -2.94 -19.17 10.73
N GLY A 72 -3.29 -18.17 9.94
CA GLY A 72 -4.40 -18.30 9.03
C GLY A 72 -4.14 -18.91 7.66
N THR A 73 -2.89 -18.85 7.20
CA THR A 73 -2.57 -19.39 5.88
C THR A 73 -1.74 -20.68 5.92
N VAL A 74 -0.56 -20.60 6.52
CA VAL A 74 0.33 -21.76 6.60
C VAL A 74 -0.23 -22.92 7.44
N LYS A 75 -0.77 -22.61 8.61
CA LYS A 75 -1.30 -23.65 9.48
C LYS A 75 -2.33 -24.55 8.77
N PRO A 76 -3.39 -23.96 8.20
CA PRO A 76 -4.37 -24.82 7.51
C PRO A 76 -3.83 -25.45 6.24
N LEU A 77 -2.85 -24.80 5.62
CA LEU A 77 -2.24 -25.31 4.40
C LEU A 77 -1.51 -26.61 4.75
N LYS A 78 -0.77 -26.61 5.86
CA LYS A 78 -0.06 -27.81 6.29
C LYS A 78 -1.03 -28.93 6.64
N ALA A 79 -2.14 -28.58 7.30
CA ALA A 79 -3.13 -29.57 7.68
C ALA A 79 -3.71 -30.21 6.42
N LEU A 80 -3.91 -29.40 5.39
CA LEU A 80 -4.45 -29.90 4.14
C LEU A 80 -3.47 -30.83 3.44
N SER A 81 -2.19 -30.49 3.45
CA SER A 81 -1.20 -31.33 2.79
C SER A 81 -1.03 -32.65 3.52
N ALA A 82 -1.26 -32.64 4.82
CA ALA A 82 -1.14 -33.86 5.62
C ALA A 82 -2.39 -34.71 5.41
N LYS A 83 -3.54 -34.05 5.34
CA LYS A 83 -4.79 -34.75 5.15
C LYS A 83 -4.97 -35.37 3.77
N TYR A 84 -4.59 -34.64 2.72
CA TYR A 84 -4.74 -35.13 1.35
C TYR A 84 -3.49 -35.76 0.74
N ASN A 85 -2.37 -35.59 1.44
CA ASN A 85 -1.08 -36.15 1.01
C ASN A 85 -0.51 -35.55 -0.27
N PHE A 86 -0.01 -34.32 -0.14
CA PHE A 86 0.63 -33.63 -1.24
C PHE A 86 1.66 -32.69 -0.62
N LEU A 87 2.68 -32.32 -1.38
CA LEU A 87 3.72 -31.44 -0.88
C LEU A 87 3.48 -29.98 -1.23
N LEU A 88 4.22 -29.08 -0.58
CA LEU A 88 4.10 -27.65 -0.81
C LEU A 88 5.32 -27.11 -1.53
N PHE A 89 5.07 -26.35 -2.60
CA PHE A 89 6.13 -25.74 -3.41
C PHE A 89 5.84 -24.23 -3.51
N GLU A 90 6.68 -23.41 -2.88
CA GLU A 90 6.46 -21.98 -2.95
C GLU A 90 7.12 -21.34 -4.17
N ASN A 91 6.38 -20.44 -4.80
CA ASN A 91 6.82 -19.74 -6.01
C ASN A 91 8.13 -18.97 -5.92
N ARG A 92 8.28 -18.14 -4.88
CA ARG A 92 9.46 -17.28 -4.71
C ARG A 92 10.72 -17.77 -5.43
N LYS A 93 11.14 -17.04 -6.45
CA LYS A 93 12.33 -17.43 -7.23
C LYS A 93 13.58 -16.80 -6.64
N PHE A 94 14.21 -17.52 -5.70
CA PHE A 94 15.41 -17.02 -5.04
C PHE A 94 16.52 -16.72 -6.05
N ALA A 95 17.23 -15.61 -5.85
CA ALA A 95 18.27 -15.20 -6.76
C ALA A 95 19.38 -14.35 -6.13
N ASP A 96 19.94 -14.84 -5.05
CA ASP A 96 21.03 -14.14 -4.35
C ASP A 96 21.79 -15.23 -3.62
N ILE A 97 22.81 -14.84 -2.87
CA ILE A 97 23.60 -15.81 -2.11
C ILE A 97 23.86 -15.36 -0.68
N GLY A 98 24.57 -16.19 0.07
CA GLY A 98 24.90 -15.87 1.44
C GLY A 98 23.75 -15.65 2.40
N ASN A 99 24.02 -14.88 3.45
CA ASN A 99 23.01 -14.61 4.46
C ASN A 99 21.78 -13.92 3.90
N THR A 100 21.94 -13.17 2.81
CA THR A 100 20.80 -12.50 2.19
C THR A 100 19.80 -13.56 1.71
N VAL A 101 20.27 -14.49 0.90
CA VAL A 101 19.36 -15.53 0.40
C VAL A 101 18.90 -16.47 1.52
N LYS A 102 19.75 -16.66 2.53
CA LYS A 102 19.37 -17.52 3.63
C LYS A 102 18.19 -16.94 4.41
N LEU A 103 18.25 -15.64 4.70
CA LEU A 103 17.18 -14.99 5.46
C LEU A 103 15.93 -14.74 4.61
N GLN A 104 16.10 -14.63 3.30
CA GLN A 104 14.94 -14.41 2.43
C GLN A 104 14.14 -15.71 2.44
N TYR A 105 14.84 -16.82 2.63
CA TYR A 105 14.26 -18.15 2.64
C TYR A 105 13.80 -18.60 4.04
N SER A 106 14.51 -18.18 5.07
CA SER A 106 14.19 -18.60 6.43
C SER A 106 13.37 -17.64 7.30
N ALA A 107 13.49 -16.35 7.06
CA ALA A 107 12.79 -15.38 7.89
C ALA A 107 11.74 -14.51 7.23
N GLY A 108 11.66 -13.26 7.72
CA GLY A 108 10.68 -12.33 7.18
C GLY A 108 9.33 -12.74 7.72
N VAL A 109 8.26 -12.26 7.11
CA VAL A 109 6.93 -12.61 7.57
C VAL A 109 6.54 -13.99 7.04
N TYR A 110 7.10 -14.37 5.90
CA TYR A 110 6.79 -15.63 5.25
C TYR A 110 7.47 -16.90 5.77
N ARG A 111 8.71 -16.77 6.26
CA ARG A 111 9.44 -17.92 6.80
C ARG A 111 9.21 -19.17 5.95
N ILE A 112 9.38 -19.01 4.64
CA ILE A 112 9.17 -20.08 3.66
C ILE A 112 9.79 -21.44 3.99
N ALA A 113 11.04 -21.47 4.44
CA ALA A 113 11.70 -22.73 4.78
C ALA A 113 10.99 -23.52 5.88
N GLU A 114 10.19 -22.85 6.70
CA GLU A 114 9.48 -23.53 7.79
C GLU A 114 8.36 -24.43 7.29
N TRP A 115 7.81 -24.15 6.12
CA TRP A 115 6.69 -24.93 5.60
C TRP A 115 6.77 -25.44 4.15
N ALA A 116 7.54 -24.78 3.31
CA ALA A 116 7.64 -25.20 1.91
C ALA A 116 8.59 -26.39 1.72
N ASP A 117 8.03 -27.54 1.37
CA ASP A 117 8.84 -28.75 1.14
C ASP A 117 9.82 -28.53 0.01
N ILE A 118 9.36 -27.81 -1.01
CA ILE A 118 10.15 -27.54 -2.20
C ILE A 118 10.18 -26.06 -2.55
N THR A 119 11.33 -25.57 -2.97
CA THR A 119 11.48 -24.18 -3.38
C THR A 119 12.25 -24.20 -4.70
N ASN A 120 12.39 -23.04 -5.34
CA ASN A 120 13.16 -23.01 -6.58
C ASN A 120 14.07 -21.80 -6.62
N ALA A 121 15.18 -21.93 -7.34
CA ALA A 121 16.15 -20.86 -7.43
C ALA A 121 16.72 -20.67 -8.83
N HIS A 122 17.14 -19.44 -9.13
CA HIS A 122 17.74 -19.12 -10.39
C HIS A 122 19.21 -19.52 -10.28
N GLY A 123 19.74 -20.11 -11.33
CA GLY A 123 21.13 -20.55 -11.30
C GLY A 123 22.16 -19.50 -11.64
N VAL A 124 21.72 -18.39 -12.23
CA VAL A 124 22.60 -17.31 -12.65
C VAL A 124 23.61 -16.85 -11.60
N VAL A 125 23.21 -16.86 -10.33
CA VAL A 125 24.09 -16.42 -9.26
C VAL A 125 25.16 -17.45 -8.87
N GLY A 126 25.03 -18.66 -9.40
CA GLY A 126 26.01 -19.69 -9.10
C GLY A 126 25.65 -20.64 -7.97
N PRO A 127 26.47 -21.67 -7.74
CA PRO A 127 26.32 -22.71 -6.71
C PRO A 127 26.08 -22.18 -5.29
N GLY A 128 26.51 -20.95 -5.04
CA GLY A 128 26.32 -20.35 -3.74
C GLY A 128 24.87 -20.35 -3.29
N ILE A 129 23.94 -20.27 -4.25
CA ILE A 129 22.52 -20.25 -3.91
C ILE A 129 22.09 -21.62 -3.41
N VAL A 130 22.69 -22.68 -3.94
CA VAL A 130 22.37 -24.05 -3.55
C VAL A 130 22.89 -24.33 -2.13
N SER A 131 24.18 -24.07 -1.92
CA SER A 131 24.78 -24.32 -0.62
C SER A 131 24.17 -23.46 0.47
N GLY A 132 23.78 -22.24 0.13
CA GLY A 132 23.18 -21.33 1.08
C GLY A 132 21.79 -21.76 1.51
N LEU A 133 20.94 -22.07 0.53
CA LEU A 133 19.59 -22.53 0.84
C LEU A 133 19.64 -23.86 1.59
N LYS A 134 20.61 -24.70 1.24
CA LYS A 134 20.76 -26.01 1.89
C LYS A 134 21.07 -25.86 3.37
N GLN A 135 22.00 -24.98 3.71
CA GLN A 135 22.38 -24.76 5.09
C GLN A 135 21.21 -24.14 5.86
N ALA A 136 20.51 -23.21 5.22
CA ALA A 136 19.35 -22.58 5.85
C ALA A 136 18.30 -23.64 6.19
N ALA A 137 18.01 -24.51 5.24
CA ALA A 137 17.03 -25.57 5.45
C ALA A 137 17.41 -26.44 6.64
N GLU A 138 18.67 -26.85 6.70
CA GLU A 138 19.14 -27.69 7.80
C GLU A 138 19.02 -27.01 9.16
N GLU A 139 19.16 -25.69 9.19
CA GLU A 139 19.07 -24.96 10.44
C GLU A 139 17.64 -24.66 10.89
N VAL A 140 16.75 -24.50 9.92
CA VAL A 140 15.37 -24.17 10.23
C VAL A 140 14.47 -25.32 10.67
N THR A 141 14.59 -26.47 10.02
CA THR A 141 13.71 -27.59 10.33
C THR A 141 14.33 -28.97 10.14
N LYS A 142 13.81 -29.94 10.88
CA LYS A 142 14.28 -31.32 10.78
C LYS A 142 13.62 -31.97 9.56
N GLU A 143 12.55 -31.35 9.06
CA GLU A 143 11.84 -31.90 7.90
C GLU A 143 12.70 -31.80 6.65
N PRO A 144 12.63 -32.83 5.79
CA PRO A 144 13.44 -32.79 4.56
C PRO A 144 12.96 -31.67 3.64
N ARG A 145 13.91 -31.06 2.95
CA ARG A 145 13.64 -29.95 2.04
C ARG A 145 14.29 -30.24 0.70
N GLY A 146 13.69 -29.72 -0.37
CA GLY A 146 14.25 -29.93 -1.70
C GLY A 146 14.29 -28.66 -2.51
N LEU A 147 15.19 -28.62 -3.51
CA LEU A 147 15.34 -27.45 -4.35
C LEU A 147 15.25 -27.76 -5.85
N LEU A 148 14.57 -26.87 -6.58
CA LEU A 148 14.44 -26.99 -8.02
C LEU A 148 15.19 -25.81 -8.62
N MET A 149 15.94 -26.06 -9.69
CA MET A 149 16.66 -24.97 -10.35
C MET A 149 15.79 -24.54 -11.52
N LEU A 150 15.69 -23.24 -11.75
CA LEU A 150 14.89 -22.72 -12.86
C LEU A 150 15.76 -22.78 -14.12
N ALA A 151 15.79 -23.95 -14.74
CA ALA A 151 16.64 -24.18 -15.91
C ALA A 151 16.09 -23.62 -17.22
N GLU A 152 14.78 -23.73 -17.43
CA GLU A 152 14.17 -23.20 -18.65
C GLU A 152 12.93 -22.41 -18.31
N LEU A 153 12.99 -21.10 -18.55
CA LEU A 153 11.87 -20.21 -18.28
C LEU A 153 10.97 -20.14 -19.52
N SER A 154 9.69 -19.82 -19.30
CA SER A 154 8.74 -19.74 -20.39
C SER A 154 8.27 -18.31 -20.67
N CYS A 155 8.68 -17.37 -19.85
CA CYS A 155 8.28 -15.97 -20.04
C CYS A 155 8.91 -15.37 -21.30
N LYS A 156 8.21 -14.42 -21.90
CA LYS A 156 8.69 -13.79 -23.12
C LYS A 156 10.06 -13.17 -22.98
N GLY A 157 10.94 -13.46 -23.94
CA GLY A 157 12.28 -12.91 -23.94
C GLY A 157 13.22 -13.39 -22.87
N SER A 158 12.90 -14.50 -22.20
CA SER A 158 13.77 -15.04 -21.15
C SER A 158 15.14 -15.35 -21.73
N LEU A 159 16.16 -15.39 -20.88
CA LEU A 159 17.53 -15.64 -21.31
C LEU A 159 18.01 -17.05 -20.99
N ALA A 160 17.07 -17.96 -20.79
CA ALA A 160 17.39 -19.35 -20.49
C ALA A 160 17.76 -20.08 -21.77
N THR A 161 18.87 -19.66 -22.39
CA THR A 161 19.36 -20.27 -23.63
C THR A 161 19.93 -21.66 -23.36
N GLY A 162 20.38 -22.31 -24.42
CA GLY A 162 20.97 -23.62 -24.27
C GLY A 162 22.15 -23.63 -23.31
N GLU A 163 23.03 -22.64 -23.43
CA GLU A 163 24.18 -22.54 -22.56
C GLU A 163 23.80 -22.19 -21.12
N TYR A 164 22.81 -21.34 -20.95
CA TYR A 164 22.37 -20.97 -19.60
C TYR A 164 21.80 -22.22 -18.92
N THR A 165 21.01 -22.97 -19.66
CA THR A 165 20.40 -24.19 -19.15
C THR A 165 21.46 -25.22 -18.77
N LYS A 166 22.45 -25.40 -19.63
CA LYS A 166 23.53 -26.34 -19.34
C LYS A 166 24.24 -25.92 -18.06
N GLY A 167 24.51 -24.63 -17.93
CA GLY A 167 25.17 -24.13 -16.73
C GLY A 167 24.36 -24.42 -15.49
N THR A 168 23.04 -24.27 -15.59
CA THR A 168 22.15 -24.52 -14.46
C THR A 168 22.18 -26.00 -14.09
N VAL A 169 22.17 -26.86 -15.11
CA VAL A 169 22.23 -28.31 -14.89
C VAL A 169 23.54 -28.67 -14.18
N ASP A 170 24.64 -28.01 -14.56
CA ASP A 170 25.91 -28.32 -13.91
C ASP A 170 25.84 -27.94 -12.43
N ILE A 171 25.20 -26.82 -12.13
CA ILE A 171 25.05 -26.39 -10.74
C ILE A 171 24.26 -27.41 -9.93
N ALA A 172 23.18 -27.92 -10.51
CA ALA A 172 22.35 -28.91 -9.83
C ALA A 172 23.16 -30.17 -9.50
N LYS A 173 24.11 -30.51 -10.37
CA LYS A 173 24.94 -31.69 -10.13
C LYS A 173 25.77 -31.60 -8.84
N SER A 174 26.01 -30.38 -8.36
CA SER A 174 26.81 -30.19 -7.15
C SER A 174 26.15 -30.72 -5.88
N ASP A 175 24.88 -31.08 -5.95
CA ASP A 175 24.19 -31.60 -4.77
C ASP A 175 22.94 -32.37 -5.17
N LYS A 176 23.09 -33.68 -5.35
CA LYS A 176 21.97 -34.51 -5.74
C LYS A 176 21.08 -34.83 -4.55
N ASP A 177 21.57 -34.53 -3.35
CA ASP A 177 20.80 -34.76 -2.13
C ASP A 177 19.76 -33.67 -1.92
N PHE A 178 20.11 -32.45 -2.32
CA PHE A 178 19.22 -31.30 -2.13
C PHE A 178 18.52 -30.82 -3.40
N VAL A 179 19.22 -30.81 -4.53
CA VAL A 179 18.61 -30.36 -5.77
C VAL A 179 17.93 -31.57 -6.40
N ILE A 180 16.60 -31.60 -6.32
CA ILE A 180 15.81 -32.71 -6.83
C ILE A 180 15.38 -32.60 -8.28
N GLY A 181 15.57 -31.43 -8.89
CA GLY A 181 15.15 -31.31 -10.27
C GLY A 181 15.09 -29.90 -10.82
N PHE A 182 14.28 -29.74 -11.86
CA PHE A 182 14.17 -28.46 -12.54
C PHE A 182 12.76 -28.06 -12.96
N ILE A 183 12.60 -26.77 -13.17
CA ILE A 183 11.40 -26.21 -13.73
C ILE A 183 11.95 -26.12 -15.15
N ALA A 184 11.39 -26.87 -16.08
CA ALA A 184 11.89 -26.85 -17.45
C ALA A 184 10.82 -27.30 -18.43
N GLN A 185 11.14 -27.17 -19.71
CA GLN A 185 10.24 -27.53 -20.78
C GLN A 185 10.64 -28.80 -21.53
N ARG A 186 11.68 -29.47 -21.07
CA ARG A 186 12.13 -30.70 -21.72
C ARG A 186 13.03 -31.50 -20.81
N ASP A 187 13.28 -32.75 -21.16
CA ASP A 187 14.14 -33.61 -20.37
C ASP A 187 15.51 -32.95 -20.27
N MET A 188 16.12 -33.02 -19.09
CA MET A 188 17.43 -32.43 -18.88
C MET A 188 18.52 -33.50 -18.81
N GLY A 189 18.16 -34.73 -19.18
CA GLY A 189 19.11 -35.83 -19.16
C GLY A 189 19.63 -36.16 -17.77
N GLY A 190 20.89 -36.59 -17.68
CA GLY A 190 21.49 -36.92 -16.40
C GLY A 190 21.44 -38.37 -15.95
N ARG A 191 20.65 -39.19 -16.62
CA ARG A 191 20.53 -40.59 -16.23
C ARG A 191 21.82 -41.39 -16.30
N ASP A 192 22.59 -41.21 -17.37
CA ASP A 192 23.85 -41.93 -17.52
C ASP A 192 24.86 -41.51 -16.47
N GLU A 193 24.61 -40.35 -15.84
CA GLU A 193 25.53 -39.83 -14.84
C GLU A 193 25.13 -40.12 -13.40
N GLY A 194 24.02 -40.83 -13.21
CA GLY A 194 23.59 -41.18 -11.87
C GLY A 194 22.61 -40.21 -11.23
N TYR A 195 22.07 -39.28 -12.03
CA TYR A 195 21.12 -38.31 -11.52
C TYR A 195 19.71 -38.66 -11.99
N ASP A 196 18.72 -38.43 -11.14
CA ASP A 196 17.33 -38.72 -11.46
C ASP A 196 16.56 -37.45 -11.12
N TRP A 197 16.55 -36.50 -12.04
CA TRP A 197 15.87 -35.23 -11.81
C TRP A 197 14.40 -35.17 -12.14
N LEU A 198 13.66 -34.51 -11.26
CA LEU A 198 12.23 -34.32 -11.48
C LEU A 198 12.12 -33.18 -12.48
N ILE A 199 11.32 -33.37 -13.52
CA ILE A 199 11.11 -32.34 -14.51
C ILE A 199 9.69 -31.83 -14.30
N MET A 200 9.56 -30.59 -13.82
CA MET A 200 8.26 -30.00 -13.57
C MET A 200 8.05 -28.91 -14.63
N THR A 201 6.96 -29.02 -15.37
CA THR A 201 6.69 -28.11 -16.47
C THR A 201 5.40 -27.29 -16.39
N PRO A 202 5.54 -25.94 -16.36
CA PRO A 202 4.39 -25.03 -16.29
C PRO A 202 3.90 -24.68 -17.70
N GLY A 203 2.80 -23.95 -17.79
CA GLY A 203 2.28 -23.57 -19.10
C GLY A 203 1.70 -24.74 -19.86
N VAL A 204 0.88 -25.52 -19.19
CA VAL A 204 0.27 -26.71 -19.77
C VAL A 204 -1.24 -26.56 -19.89
N GLY A 205 -1.77 -26.98 -21.04
CA GLY A 205 -3.21 -26.91 -21.27
C GLY A 205 -3.74 -28.22 -21.84
N LEU A 206 -5.03 -28.26 -22.15
CA LEU A 206 -5.66 -29.45 -22.70
C LEU A 206 -6.29 -29.26 -24.07
N ASP A 207 -5.94 -28.16 -24.73
CA ASP A 207 -6.46 -27.90 -26.07
C ASP A 207 -7.99 -28.04 -26.12
N ASP A 208 -8.66 -27.27 -25.28
CA ASP A 208 -10.12 -27.33 -25.22
C ASP A 208 -10.80 -26.62 -26.39
N LYS A 209 -11.87 -27.22 -26.90
CA LYS A 209 -12.61 -26.65 -28.03
C LYS A 209 -13.05 -25.22 -27.83
N GLY A 210 -12.70 -24.36 -28.80
CA GLY A 210 -13.08 -22.97 -28.76
C GLY A 210 -12.30 -22.09 -27.79
N ASP A 211 -11.32 -22.66 -27.09
CA ASP A 211 -10.54 -21.91 -26.12
C ASP A 211 -9.19 -21.45 -26.66
N ALA A 212 -9.18 -20.30 -27.33
CA ALA A 212 -7.95 -19.76 -27.90
C ALA A 212 -6.89 -19.49 -26.85
N LEU A 213 -7.29 -18.90 -25.72
CA LEU A 213 -6.33 -18.59 -24.66
C LEU A 213 -5.62 -19.86 -24.19
N GLY A 214 -6.40 -20.91 -23.92
CA GLY A 214 -5.78 -22.16 -23.46
C GLY A 214 -4.98 -22.85 -24.55
N GLN A 215 -5.38 -22.65 -25.79
CA GLN A 215 -4.66 -23.28 -26.88
C GLN A 215 -3.28 -22.69 -27.11
N GLN A 216 -2.95 -21.64 -26.37
CA GLN A 216 -1.63 -21.00 -26.48
C GLN A 216 -0.59 -21.84 -25.74
N TYR A 217 -1.06 -22.73 -24.88
CA TYR A 217 -0.16 -23.57 -24.09
C TYR A 217 0.05 -24.94 -24.71
N ARG A 218 1.18 -25.56 -24.40
CA ARG A 218 1.46 -26.89 -24.90
C ARG A 218 0.50 -27.81 -24.16
N THR A 219 0.12 -28.93 -24.79
CA THR A 219 -0.81 -29.85 -24.15
C THR A 219 -0.13 -30.81 -23.18
N VAL A 220 -0.94 -31.41 -22.30
CA VAL A 220 -0.44 -32.37 -21.32
C VAL A 220 0.31 -33.48 -22.05
N ASP A 221 -0.29 -33.99 -23.12
CA ASP A 221 0.32 -35.05 -23.91
C ASP A 221 1.66 -34.62 -24.48
N ASP A 222 1.72 -33.41 -25.01
CA ASP A 222 2.95 -32.90 -25.58
C ASP A 222 4.11 -32.89 -24.58
N VAL A 223 3.89 -32.29 -23.41
CA VAL A 223 4.96 -32.21 -22.41
C VAL A 223 5.34 -33.52 -21.74
N VAL A 224 4.35 -34.36 -21.40
CA VAL A 224 4.66 -35.62 -20.74
C VAL A 224 5.41 -36.54 -21.69
N SER A 225 5.02 -36.52 -22.97
CA SER A 225 5.65 -37.35 -23.99
C SER A 225 7.10 -36.91 -24.18
N THR A 226 7.33 -35.62 -23.97
CA THR A 226 8.65 -35.01 -24.13
C THR A 226 9.59 -35.27 -22.95
N GLY A 227 9.04 -35.68 -21.81
CA GLY A 227 9.90 -35.95 -20.66
C GLY A 227 9.52 -35.25 -19.37
N SER A 228 8.40 -34.53 -19.36
CA SER A 228 7.99 -33.86 -18.14
C SER A 228 7.45 -34.92 -17.17
N ASP A 229 7.82 -34.80 -15.89
CA ASP A 229 7.38 -35.73 -14.86
C ASP A 229 6.15 -35.20 -14.13
N ILE A 230 6.08 -33.88 -14.00
CA ILE A 230 4.96 -33.23 -13.32
C ILE A 230 4.46 -32.08 -14.18
N ILE A 231 3.14 -31.98 -14.32
CA ILE A 231 2.55 -30.92 -15.10
C ILE A 231 2.04 -29.85 -14.14
N ILE A 232 2.50 -28.62 -14.34
CA ILE A 232 2.08 -27.50 -13.50
C ILE A 232 0.98 -26.75 -14.22
N VAL A 233 -0.22 -26.80 -13.65
CA VAL A 233 -1.41 -26.17 -14.24
C VAL A 233 -1.93 -25.07 -13.33
N GLY A 234 -2.24 -23.92 -13.91
CA GLY A 234 -2.71 -22.79 -13.12
C GLY A 234 -4.18 -22.44 -13.21
N ARG A 235 -4.46 -21.26 -13.77
CA ARG A 235 -5.82 -20.75 -13.91
C ARG A 235 -6.74 -21.70 -14.65
N GLY A 236 -6.17 -22.59 -15.46
CA GLY A 236 -6.98 -23.54 -16.19
C GLY A 236 -7.76 -24.46 -15.27
N LEU A 237 -7.35 -24.50 -13.99
CA LEU A 237 -8.02 -25.34 -13.01
C LEU A 237 -9.13 -24.65 -12.24
N PHE A 238 -9.15 -23.32 -12.22
CA PHE A 238 -10.14 -22.63 -11.41
C PHE A 238 -10.72 -21.32 -11.91
N ALA A 239 -10.05 -20.69 -12.87
CA ALA A 239 -10.52 -19.41 -13.39
C ALA A 239 -11.79 -19.52 -14.23
N LYS A 240 -12.37 -18.35 -14.53
CA LYS A 240 -13.58 -18.24 -15.33
C LYS A 240 -14.74 -19.17 -14.99
N GLY A 241 -15.08 -19.25 -13.71
CA GLY A 241 -16.19 -20.07 -13.27
C GLY A 241 -16.03 -21.58 -13.33
N ARG A 242 -14.82 -22.06 -13.56
CA ARG A 242 -14.61 -23.50 -13.63
C ARG A 242 -14.74 -24.18 -12.26
N ASP A 243 -15.05 -25.46 -12.27
CA ASP A 243 -15.18 -26.25 -11.05
C ASP A 243 -13.83 -26.90 -10.80
N ALA A 244 -13.10 -26.40 -9.80
CA ALA A 244 -11.78 -26.93 -9.48
C ALA A 244 -11.71 -28.45 -9.36
N LYS A 245 -12.65 -29.03 -8.64
CA LYS A 245 -12.65 -30.48 -8.46
C LYS A 245 -12.76 -31.22 -9.79
N VAL A 246 -13.62 -30.72 -10.68
CA VAL A 246 -13.81 -31.32 -11.98
C VAL A 246 -12.55 -31.19 -12.83
N GLU A 247 -12.01 -29.97 -12.88
CA GLU A 247 -10.79 -29.73 -13.65
C GLU A 247 -9.62 -30.54 -13.13
N GLY A 248 -9.50 -30.62 -11.81
CA GLY A 248 -8.42 -31.38 -11.21
C GLY A 248 -8.42 -32.80 -11.70
N GLU A 249 -9.59 -33.43 -11.72
CA GLU A 249 -9.72 -34.80 -12.18
C GLU A 249 -9.39 -34.90 -13.67
N ARG A 250 -9.86 -33.92 -14.45
CA ARG A 250 -9.61 -33.92 -15.88
C ARG A 250 -8.12 -33.85 -16.17
N TYR A 251 -7.41 -32.92 -15.53
CA TYR A 251 -5.97 -32.82 -15.73
C TYR A 251 -5.20 -33.99 -15.12
N ARG A 252 -5.61 -34.48 -13.95
CA ARG A 252 -4.91 -35.61 -13.34
C ARG A 252 -4.99 -36.80 -14.29
N LYS A 253 -6.20 -37.03 -14.79
CA LYS A 253 -6.48 -38.14 -15.70
C LYS A 253 -5.62 -38.07 -16.96
N ALA A 254 -5.62 -36.93 -17.62
CA ALA A 254 -4.83 -36.77 -18.84
C ALA A 254 -3.34 -36.92 -18.53
N GLY A 255 -2.90 -36.33 -17.42
CA GLY A 255 -1.51 -36.42 -17.04
C GLY A 255 -1.06 -37.85 -16.79
N TRP A 256 -1.88 -38.62 -16.07
CA TRP A 256 -1.52 -40.00 -15.78
C TRP A 256 -1.57 -40.88 -17.03
N GLU A 257 -2.61 -40.72 -17.84
CA GLU A 257 -2.73 -41.54 -19.04
C GLU A 257 -1.53 -41.30 -19.96
N ALA A 258 -1.08 -40.05 -20.07
CA ALA A 258 0.07 -39.76 -20.93
C ALA A 258 1.32 -40.43 -20.35
N TYR A 259 1.42 -40.40 -19.02
CA TYR A 259 2.56 -41.01 -18.33
C TYR A 259 2.59 -42.52 -18.61
N LEU A 260 1.44 -43.19 -18.48
CA LEU A 260 1.39 -44.63 -18.72
C LEU A 260 1.73 -44.94 -20.18
N ARG A 261 1.28 -44.07 -21.08
CA ARG A 261 1.54 -44.22 -22.50
C ARG A 261 3.06 -44.16 -22.71
N ARG A 262 3.70 -43.30 -21.93
CA ARG A 262 5.14 -43.13 -22.00
C ARG A 262 5.86 -44.37 -21.45
N LYS B 3 -24.40 30.82 8.70
CA LYS B 3 -24.99 29.56 8.15
C LYS B 3 -24.64 28.40 9.05
N ALA B 4 -25.31 27.27 8.84
CA ALA B 4 -25.03 26.07 9.61
C ALA B 4 -23.69 25.55 9.10
N THR B 5 -23.16 24.52 9.76
CA THR B 5 -21.89 23.93 9.36
C THR B 5 -22.09 23.10 8.10
N TYR B 6 -21.00 22.80 7.39
CA TYR B 6 -21.11 21.98 6.19
C TYR B 6 -21.73 20.64 6.53
N LYS B 7 -21.30 20.05 7.64
CA LYS B 7 -21.82 18.76 8.09
C LYS B 7 -23.35 18.82 8.26
N GLU B 8 -23.82 19.88 8.92
CA GLU B 8 -25.26 20.03 9.14
C GLU B 8 -26.03 20.27 7.85
N ARG B 9 -25.46 21.05 6.94
CA ARG B 9 -26.11 21.34 5.66
C ARG B 9 -26.25 20.11 4.79
N ALA B 10 -25.27 19.20 4.88
CA ALA B 10 -25.28 17.97 4.10
C ALA B 10 -26.42 17.03 4.54
N ALA B 11 -26.68 17.00 5.84
CA ALA B 11 -27.70 16.11 6.40
C ALA B 11 -29.14 16.50 6.05
N THR B 12 -29.37 17.76 5.71
CA THR B 12 -30.72 18.21 5.38
C THR B 12 -30.89 18.72 3.96
N HIS B 13 -29.88 18.58 3.12
CA HIS B 13 -29.99 19.10 1.77
C HIS B 13 -30.82 18.23 0.82
N PRO B 14 -31.71 18.86 0.04
CA PRO B 14 -32.57 18.17 -0.92
C PRO B 14 -31.84 17.58 -2.13
N SER B 15 -30.69 18.17 -2.47
CA SER B 15 -29.90 17.70 -3.61
C SER B 15 -28.83 16.68 -3.17
N PRO B 16 -28.84 15.49 -3.78
CA PRO B 16 -27.85 14.44 -3.44
C PRO B 16 -26.43 14.87 -3.76
N VAL B 17 -26.28 15.66 -4.82
CA VAL B 17 -24.95 16.13 -5.22
C VAL B 17 -24.42 17.10 -4.18
N ALA B 18 -25.28 18.00 -3.71
CA ALA B 18 -24.88 18.98 -2.70
C ALA B 18 -24.58 18.29 -1.37
N ALA B 19 -25.41 17.31 -1.03
CA ALA B 19 -25.22 16.57 0.22
C ALA B 19 -23.85 15.89 0.15
N LYS B 20 -23.57 15.28 -0.99
CA LYS B 20 -22.31 14.58 -1.21
C LYS B 20 -21.12 15.54 -1.09
N LEU B 21 -21.23 16.71 -1.72
CA LEU B 21 -20.16 17.70 -1.66
C LEU B 21 -19.95 18.27 -0.25
N PHE B 22 -21.03 18.59 0.47
CA PHE B 22 -20.89 19.09 1.83
C PHE B 22 -20.20 18.07 2.74
N ASN B 23 -20.48 16.79 2.51
CA ASN B 23 -19.88 15.73 3.32
C ASN B 23 -18.38 15.58 3.00
N ILE B 24 -18.04 15.78 1.74
CA ILE B 24 -16.64 15.70 1.32
C ILE B 24 -15.87 16.82 2.01
N MET B 25 -16.45 18.01 2.02
CA MET B 25 -15.83 19.17 2.63
C MET B 25 -15.59 18.94 4.12
N HIS B 26 -16.58 18.40 4.82
CA HIS B 26 -16.42 18.13 6.25
C HIS B 26 -15.36 17.05 6.50
N GLU B 27 -15.47 15.95 5.78
CA GLU B 27 -14.57 14.81 5.94
C GLU B 27 -13.11 15.06 5.62
N LYS B 28 -12.84 15.91 4.63
CA LYS B 28 -11.48 16.24 4.24
C LYS B 28 -11.05 17.59 4.78
N GLN B 29 -11.96 18.27 5.48
CA GLN B 29 -11.68 19.59 6.04
C GLN B 29 -11.18 20.56 4.98
N THR B 30 -11.92 20.63 3.88
CA THR B 30 -11.56 21.53 2.79
C THR B 30 -12.75 22.14 2.08
N ASN B 31 -12.65 23.44 1.77
CA ASN B 31 -13.69 24.11 1.01
C ASN B 31 -13.01 24.67 -0.23
N LEU B 32 -11.92 24.01 -0.63
CA LEU B 32 -11.15 24.42 -1.80
C LEU B 32 -11.51 23.73 -3.11
N CYS B 33 -11.65 24.54 -4.15
CA CYS B 33 -11.92 24.05 -5.49
C CYS B 33 -10.74 24.49 -6.34
N ALA B 34 -10.10 23.54 -6.99
CA ALA B 34 -8.96 23.86 -7.84
C ALA B 34 -9.46 24.05 -9.27
N SER B 35 -9.16 25.20 -9.87
CA SER B 35 -9.56 25.51 -11.25
C SER B 35 -8.33 25.33 -12.12
N LEU B 36 -8.28 24.23 -12.86
CA LEU B 36 -7.13 23.94 -13.71
C LEU B 36 -7.38 24.07 -15.21
N ASP B 37 -6.97 25.21 -15.77
CA ASP B 37 -7.17 25.44 -17.19
C ASP B 37 -5.85 25.30 -17.93
N VAL B 38 -5.39 24.06 -18.06
CA VAL B 38 -4.12 23.79 -18.73
C VAL B 38 -4.34 23.25 -20.15
N ARG B 39 -3.29 23.30 -20.96
CA ARG B 39 -3.37 22.86 -22.34
C ARG B 39 -3.37 21.35 -22.62
N THR B 40 -2.70 20.58 -21.78
CA THR B 40 -2.63 19.14 -22.01
C THR B 40 -3.16 18.24 -20.91
N THR B 41 -3.67 17.07 -21.32
CA THR B 41 -4.20 16.10 -20.38
C THR B 41 -3.12 15.63 -19.42
N LYS B 42 -1.89 15.51 -19.92
CA LYS B 42 -0.78 15.08 -19.08
C LYS B 42 -0.60 15.99 -17.88
N GLU B 43 -0.51 17.30 -18.13
CA GLU B 43 -0.36 18.25 -17.04
C GLU B 43 -1.57 18.23 -16.12
N LEU B 44 -2.76 18.14 -16.73
CA LEU B 44 -3.99 18.11 -15.94
C LEU B 44 -3.92 16.98 -14.92
N LEU B 45 -3.70 15.76 -15.40
CA LEU B 45 -3.62 14.60 -14.53
C LEU B 45 -2.53 14.70 -13.47
N GLU B 46 -1.42 15.35 -13.81
CA GLU B 46 -0.33 15.52 -12.85
C GLU B 46 -0.78 16.40 -11.69
N LEU B 47 -1.38 17.54 -12.04
CA LEU B 47 -1.85 18.50 -11.05
C LEU B 47 -2.99 17.94 -10.18
N VAL B 48 -3.95 17.29 -10.81
CA VAL B 48 -5.07 16.71 -10.06
C VAL B 48 -4.56 15.70 -9.03
N GLU B 49 -3.53 14.95 -9.41
CA GLU B 49 -2.94 13.97 -8.51
C GLU B 49 -2.35 14.67 -7.30
N ALA B 50 -1.66 15.78 -7.52
CA ALA B 50 -1.04 16.54 -6.44
C ALA B 50 -2.07 17.24 -5.55
N LEU B 51 -3.13 17.75 -6.17
CA LEU B 51 -4.17 18.49 -5.46
C LEU B 51 -5.31 17.64 -4.88
N GLY B 52 -5.48 16.43 -5.39
CA GLY B 52 -6.52 15.53 -4.94
C GLY B 52 -6.88 15.54 -3.46
N PRO B 53 -5.91 15.32 -2.57
CA PRO B 53 -6.12 15.30 -1.11
C PRO B 53 -6.55 16.63 -0.50
N LYS B 54 -6.29 17.72 -1.23
CA LYS B 54 -6.59 19.07 -0.74
C LYS B 54 -7.88 19.73 -1.19
N ILE B 55 -8.59 19.10 -2.13
CA ILE B 55 -9.80 19.70 -2.68
C ILE B 55 -11.11 18.94 -2.48
N CYS B 56 -12.21 19.66 -2.62
CA CYS B 56 -13.52 19.04 -2.51
C CYS B 56 -14.12 19.07 -3.92
N LEU B 57 -13.51 19.88 -4.79
CA LEU B 57 -14.00 20.05 -6.15
C LEU B 57 -12.90 20.41 -7.16
N LEU B 58 -13.01 19.86 -8.36
CA LEU B 58 -12.05 20.15 -9.43
C LEU B 58 -12.81 20.79 -10.57
N LYS B 59 -12.41 22.00 -10.96
CA LYS B 59 -13.07 22.66 -12.09
C LYS B 59 -12.22 22.43 -13.33
N THR B 60 -12.76 21.66 -14.27
CA THR B 60 -12.06 21.36 -15.51
C THR B 60 -12.40 22.36 -16.61
N HIS B 61 -11.57 22.39 -17.64
CA HIS B 61 -11.76 23.30 -18.77
C HIS B 61 -11.46 22.50 -20.04
N VAL B 62 -12.37 21.61 -20.42
CA VAL B 62 -12.18 20.75 -21.58
C VAL B 62 -12.03 21.46 -22.92
N ASP B 63 -12.65 22.63 -23.06
CA ASP B 63 -12.54 23.33 -24.33
C ASP B 63 -11.13 23.82 -24.67
N ILE B 64 -10.28 24.01 -23.67
CA ILE B 64 -8.93 24.46 -23.97
C ILE B 64 -7.92 23.32 -24.06
N LEU B 65 -8.36 22.10 -23.76
CA LEU B 65 -7.48 20.94 -23.84
C LEU B 65 -7.18 20.68 -25.31
N THR B 66 -5.92 20.37 -25.61
CA THR B 66 -5.53 20.12 -27.00
C THR B 66 -5.61 18.64 -27.33
N ASP B 67 -5.71 17.80 -26.31
CA ASP B 67 -5.78 16.36 -26.52
C ASP B 67 -6.86 15.66 -25.72
N PHE B 68 -8.04 16.26 -25.65
CA PHE B 68 -9.13 15.64 -24.91
C PHE B 68 -9.61 14.35 -25.55
N SER B 69 -9.90 13.36 -24.72
CA SER B 69 -10.43 12.08 -25.16
C SER B 69 -11.06 11.38 -23.95
N MET B 70 -12.15 10.67 -24.17
CA MET B 70 -12.83 9.96 -23.09
C MET B 70 -11.93 8.96 -22.39
N GLU B 71 -11.12 8.24 -23.14
CA GLU B 71 -10.22 7.24 -22.57
C GLU B 71 -8.98 7.83 -21.90
N GLY B 72 -8.40 8.84 -22.53
CA GLY B 72 -7.19 9.44 -21.98
C GLY B 72 -7.36 10.56 -20.98
N THR B 73 -8.53 11.21 -20.99
CA THR B 73 -8.77 12.31 -20.07
C THR B 73 -9.83 11.97 -19.01
N VAL B 74 -11.05 11.71 -19.45
CA VAL B 74 -12.14 11.41 -18.53
C VAL B 74 -11.95 10.19 -17.64
N LYS B 75 -11.53 9.07 -18.23
CA LYS B 75 -11.34 7.84 -17.46
C LYS B 75 -10.41 8.02 -16.25
N PRO B 76 -9.18 8.52 -16.48
CA PRO B 76 -8.27 8.69 -15.34
C PRO B 76 -8.72 9.80 -14.39
N LEU B 77 -9.46 10.77 -14.93
CA LEU B 77 -9.96 11.87 -14.14
C LEU B 77 -11.00 11.32 -13.17
N LYS B 78 -11.82 10.40 -13.67
CA LYS B 78 -12.84 9.77 -12.84
C LYS B 78 -12.17 8.89 -11.78
N ALA B 79 -11.10 8.22 -12.17
CA ALA B 79 -10.38 7.35 -11.23
C ALA B 79 -9.80 8.22 -10.11
N LEU B 80 -9.20 9.35 -10.47
CA LEU B 80 -8.62 10.25 -9.50
C LEU B 80 -9.71 10.79 -8.56
N SER B 81 -10.87 11.05 -9.13
CA SER B 81 -12.03 11.55 -8.39
C SER B 81 -12.47 10.54 -7.33
N ALA B 82 -12.43 9.27 -7.69
CA ALA B 82 -12.82 8.20 -6.79
C ALA B 82 -11.73 7.95 -5.75
N LYS B 83 -10.49 7.99 -6.19
CA LYS B 83 -9.36 7.74 -5.30
C LYS B 83 -9.15 8.81 -4.22
N TYR B 84 -9.27 10.07 -4.61
CA TYR B 84 -9.06 11.16 -3.67
C TYR B 84 -10.33 11.78 -3.08
N ASN B 85 -11.47 11.34 -3.60
CA ASN B 85 -12.78 11.80 -3.13
C ASN B 85 -13.06 13.29 -3.30
N PHE B 86 -13.32 13.69 -4.53
CA PHE B 86 -13.66 15.07 -4.85
C PHE B 86 -14.56 15.00 -6.07
N LEU B 87 -15.35 16.04 -6.32
CA LEU B 87 -16.26 16.03 -7.45
C LEU B 87 -15.71 16.78 -8.65
N LEU B 88 -16.37 16.59 -9.80
CA LEU B 88 -15.96 17.24 -11.04
C LEU B 88 -16.95 18.32 -11.44
N PHE B 89 -16.41 19.49 -11.77
CA PHE B 89 -17.19 20.65 -12.19
C PHE B 89 -16.62 21.19 -13.49
N GLU B 90 -17.33 20.99 -14.61
CA GLU B 90 -16.83 21.47 -15.90
C GLU B 90 -17.19 22.94 -16.13
N ASN B 91 -16.23 23.67 -16.67
CA ASN B 91 -16.36 25.10 -16.95
C ASN B 91 -17.49 25.54 -17.88
N ARG B 92 -17.65 24.85 -19.00
CA ARG B 92 -18.66 25.20 -20.02
C ARG B 92 -19.89 25.93 -19.47
N LYS B 93 -20.01 27.21 -19.80
CA LYS B 93 -21.14 28.03 -19.34
C LYS B 93 -22.31 27.93 -20.32
N PHE B 94 -23.18 26.95 -20.08
CA PHE B 94 -24.33 26.74 -20.94
C PHE B 94 -25.18 28.00 -21.04
N ALA B 95 -25.69 28.29 -22.24
CA ALA B 95 -26.48 29.49 -22.45
C ALA B 95 -27.47 29.38 -23.59
N ASP B 96 -28.27 28.32 -23.58
CA ASP B 96 -29.29 28.13 -24.60
C ASP B 96 -30.37 27.24 -23.97
N ILE B 97 -31.38 26.88 -24.74
CA ILE B 97 -32.47 26.05 -24.22
C ILE B 97 -32.81 24.88 -25.13
N GLY B 98 -33.77 24.07 -24.69
CA GLY B 98 -34.23 22.95 -25.49
C GLY B 98 -33.21 21.89 -25.87
N ASN B 99 -33.47 21.21 -26.98
CA ASN B 99 -32.60 20.15 -27.46
C ASN B 99 -31.19 20.62 -27.75
N THR B 100 -31.04 21.90 -28.12
CA THR B 100 -29.72 22.44 -28.37
C THR B 100 -28.90 22.40 -27.09
N VAL B 101 -29.44 22.93 -26.00
CA VAL B 101 -28.70 22.93 -24.75
C VAL B 101 -28.56 21.51 -24.17
N LYS B 102 -29.53 20.65 -24.49
CA LYS B 102 -29.48 19.27 -24.00
C LYS B 102 -28.34 18.51 -24.68
N LEU B 103 -28.19 18.70 -25.99
CA LEU B 103 -27.12 18.03 -26.73
C LEU B 103 -25.74 18.63 -26.49
N GLN B 104 -25.68 19.92 -26.19
CA GLN B 104 -24.39 20.54 -25.92
C GLN B 104 -23.86 19.97 -24.59
N TYR B 105 -24.79 19.59 -23.73
CA TYR B 105 -24.48 19.04 -22.42
C TYR B 105 -24.30 17.51 -22.42
N SER B 106 -25.05 16.82 -23.26
CA SER B 106 -24.99 15.36 -23.29
C SER B 106 -24.13 14.70 -24.37
N ALA B 107 -23.99 15.35 -25.51
CA ALA B 107 -23.25 14.75 -26.62
C ALA B 107 -21.95 15.42 -27.05
N GLY B 108 -21.70 15.35 -28.35
CA GLY B 108 -20.48 15.93 -28.89
C GLY B 108 -19.32 15.05 -28.51
N VAL B 109 -18.12 15.61 -28.60
CA VAL B 109 -16.90 14.88 -28.26
C VAL B 109 -16.73 14.83 -26.75
N TYR B 110 -17.21 15.86 -26.06
CA TYR B 110 -17.04 15.96 -24.61
C TYR B 110 -18.05 15.22 -23.73
N ARG B 111 -19.27 15.04 -24.20
CA ARG B 111 -20.31 14.34 -23.44
C ARG B 111 -20.20 14.68 -21.94
N ILE B 112 -20.18 15.97 -21.66
CA ILE B 112 -20.06 16.50 -20.31
C ILE B 112 -20.95 15.88 -19.24
N ALA B 113 -22.23 15.68 -19.54
CA ALA B 113 -23.18 15.10 -18.59
C ALA B 113 -22.79 13.71 -18.11
N GLU B 114 -21.97 13.02 -18.89
CA GLU B 114 -21.53 11.67 -18.54
C GLU B 114 -20.54 11.61 -17.38
N TRP B 115 -19.81 12.69 -17.15
CA TRP B 115 -18.79 12.67 -16.09
C TRP B 115 -18.78 13.86 -15.13
N ALA B 116 -19.31 15.01 -15.55
CA ALA B 116 -19.30 16.18 -14.70
C ALA B 116 -20.42 16.15 -13.66
N ASP B 117 -20.05 16.02 -12.39
CA ASP B 117 -21.03 16.00 -11.30
C ASP B 117 -21.80 17.33 -11.27
N ILE B 118 -21.06 18.41 -11.50
CA ILE B 118 -21.61 19.76 -11.44
C ILE B 118 -21.31 20.55 -12.71
N THR B 119 -22.28 21.34 -13.16
CA THR B 119 -22.11 22.18 -14.33
C THR B 119 -22.71 23.53 -13.97
N ASN B 120 -22.52 24.53 -14.82
CA ASN B 120 -23.10 25.84 -14.54
C ASN B 120 -23.74 26.42 -15.78
N ALA B 121 -24.73 27.29 -15.57
CA ALA B 121 -25.45 27.89 -16.68
C ALA B 121 -25.79 29.35 -16.43
N HIS B 122 -25.92 30.11 -17.52
CA HIS B 122 -26.28 31.52 -17.44
C HIS B 122 -27.80 31.57 -17.32
N GLY B 123 -28.30 32.45 -16.48
CA GLY B 123 -29.74 32.55 -16.31
C GLY B 123 -30.42 33.40 -17.33
N VAL B 124 -29.65 34.16 -18.12
CA VAL B 124 -30.20 35.06 -19.12
C VAL B 124 -31.28 34.45 -20.02
N VAL B 125 -31.12 33.18 -20.38
CA VAL B 125 -32.08 32.51 -21.27
C VAL B 125 -33.38 32.09 -20.57
N GLY B 126 -33.41 32.18 -19.25
CA GLY B 126 -34.62 31.80 -18.54
C GLY B 126 -34.58 30.40 -17.98
N PRO B 127 -35.60 30.01 -17.19
CA PRO B 127 -35.69 28.68 -16.56
C PRO B 127 -35.65 27.48 -17.49
N GLY B 128 -35.80 27.71 -18.79
CA GLY B 128 -35.74 26.60 -19.72
C GLY B 128 -34.39 25.91 -19.71
N ILE B 129 -33.34 26.64 -19.33
CA ILE B 129 -32.00 26.04 -19.29
C ILE B 129 -31.91 25.05 -18.13
N VAL B 130 -32.61 25.36 -17.04
CA VAL B 130 -32.62 24.49 -15.86
C VAL B 130 -33.40 23.21 -16.15
N SER B 131 -34.60 23.33 -16.70
CA SER B 131 -35.41 22.15 -16.99
C SER B 131 -34.81 21.30 -18.11
N GLY B 132 -34.17 21.94 -19.06
CA GLY B 132 -33.56 21.22 -20.17
C GLY B 132 -32.35 20.42 -19.73
N LEU B 133 -31.45 21.05 -18.97
CA LEU B 133 -30.27 20.36 -18.48
C LEU B 133 -30.68 19.27 -17.51
N LYS B 134 -31.73 19.53 -16.74
CA LYS B 134 -32.23 18.57 -15.76
C LYS B 134 -32.68 17.29 -16.46
N GLN B 135 -33.51 17.44 -17.49
CA GLN B 135 -34.00 16.28 -18.23
C GLN B 135 -32.85 15.51 -18.87
N ALA B 136 -31.91 16.23 -19.46
CA ALA B 136 -30.75 15.60 -20.08
C ALA B 136 -29.97 14.77 -19.08
N ALA B 137 -29.73 15.34 -17.90
CA ALA B 137 -29.01 14.64 -16.85
C ALA B 137 -29.70 13.33 -16.49
N GLU B 138 -31.01 13.38 -16.33
CA GLU B 138 -31.78 12.20 -15.99
C GLU B 138 -31.71 11.10 -17.05
N GLU B 139 -31.61 11.49 -18.31
CA GLU B 139 -31.55 10.53 -19.40
C GLU B 139 -30.15 9.96 -19.62
N VAL B 140 -29.13 10.78 -19.33
CA VAL B 140 -27.75 10.36 -19.54
C VAL B 140 -27.16 9.39 -18.52
N THR B 141 -27.43 9.63 -17.24
CA THR B 141 -26.85 8.79 -16.19
C THR B 141 -27.70 8.67 -14.94
N LYS B 142 -27.50 7.59 -14.20
CA LYS B 142 -28.23 7.36 -12.96
C LYS B 142 -27.55 8.16 -11.85
N GLU B 143 -26.31 8.57 -12.10
CA GLU B 143 -25.55 9.33 -11.10
C GLU B 143 -26.18 10.70 -10.89
N PRO B 144 -26.20 11.17 -9.64
CA PRO B 144 -26.78 12.50 -9.36
C PRO B 144 -25.97 13.60 -10.04
N ARG B 145 -26.68 14.64 -10.47
CA ARG B 145 -26.06 15.76 -11.16
C ARG B 145 -26.56 17.05 -10.52
N GLY B 146 -25.73 18.09 -10.56
CA GLY B 146 -26.13 19.36 -9.96
C GLY B 146 -25.83 20.53 -10.87
N LEU B 147 -26.57 21.63 -10.68
CA LEU B 147 -26.38 22.82 -11.49
C LEU B 147 -26.15 24.10 -10.68
N LEU B 148 -25.20 24.91 -11.13
CA LEU B 148 -24.91 26.18 -10.49
C LEU B 148 -25.32 27.28 -11.47
N MET B 149 -26.00 28.30 -10.99
CA MET B 149 -26.38 29.41 -11.88
C MET B 149 -25.27 30.45 -11.74
N LEU B 150 -24.90 31.07 -12.85
CA LEU B 150 -23.87 32.10 -12.86
C LEU B 150 -24.53 33.42 -12.51
N ALA B 151 -24.76 33.62 -11.21
CA ALA B 151 -25.43 34.82 -10.73
C ALA B 151 -24.59 36.08 -10.70
N GLU B 152 -23.30 35.95 -10.35
CA GLU B 152 -22.42 37.11 -10.33
C GLU B 152 -21.09 36.77 -10.97
N LEU B 153 -20.83 37.36 -12.13
CA LEU B 153 -19.60 37.16 -12.88
C LEU B 153 -18.57 38.18 -12.40
N SER B 154 -17.30 37.84 -12.51
CA SER B 154 -16.28 38.79 -12.08
C SER B 154 -15.45 39.35 -13.23
N CYS B 155 -15.84 39.02 -14.46
CA CYS B 155 -15.12 39.53 -15.62
C CYS B 155 -15.44 41.00 -15.86
N LYS B 156 -14.48 41.70 -16.45
CA LYS B 156 -14.62 43.13 -16.73
C LYS B 156 -15.84 43.50 -17.54
N GLY B 157 -16.64 44.43 -17.01
CA GLY B 157 -17.83 44.89 -17.70
C GLY B 157 -19.01 43.94 -17.76
N SER B 158 -19.01 42.90 -16.93
CA SER B 158 -20.10 41.94 -16.93
C SER B 158 -21.43 42.64 -16.61
N LEU B 159 -22.52 42.07 -17.10
CA LEU B 159 -23.85 42.64 -16.89
C LEU B 159 -24.63 41.91 -15.78
N ALA B 160 -23.91 41.14 -14.98
CA ALA B 160 -24.51 40.39 -13.88
C ALA B 160 -24.76 41.33 -12.71
N THR B 161 -25.53 42.38 -12.95
CA THR B 161 -25.82 43.38 -11.94
C THR B 161 -27.03 43.06 -11.06
N GLY B 162 -27.42 44.03 -10.24
CA GLY B 162 -28.56 43.88 -9.34
C GLY B 162 -29.75 43.07 -9.80
N GLU B 163 -30.51 43.59 -10.76
CA GLU B 163 -31.69 42.88 -11.23
C GLU B 163 -31.40 41.58 -11.95
N TYR B 164 -30.27 41.51 -12.64
CA TYR B 164 -29.91 40.27 -13.35
C TYR B 164 -29.66 39.18 -12.32
N THR B 165 -28.92 39.51 -11.28
CA THR B 165 -28.61 38.55 -10.24
C THR B 165 -29.89 38.10 -9.56
N LYS B 166 -30.76 39.06 -9.23
CA LYS B 166 -32.03 38.75 -8.60
C LYS B 166 -32.85 37.79 -9.46
N GLY B 167 -32.90 38.06 -10.76
CA GLY B 167 -33.63 37.21 -11.68
C GLY B 167 -33.04 35.81 -11.73
N THR B 168 -31.71 35.73 -11.62
CA THR B 168 -31.02 34.45 -11.64
C THR B 168 -31.38 33.65 -10.39
N VAL B 169 -31.40 34.34 -9.24
CA VAL B 169 -31.76 33.70 -7.99
C VAL B 169 -33.20 33.18 -8.07
N ASP B 170 -34.09 33.95 -8.69
CA ASP B 170 -35.48 33.51 -8.82
C ASP B 170 -35.56 32.24 -9.66
N ILE B 171 -34.74 32.18 -10.71
CA ILE B 171 -34.73 31.00 -11.58
C ILE B 171 -34.29 29.76 -10.79
N ALA B 172 -33.29 29.93 -9.94
CA ALA B 172 -32.78 28.83 -9.11
C ALA B 172 -33.88 28.27 -8.21
N LYS B 173 -34.74 29.14 -7.70
CA LYS B 173 -35.82 28.70 -6.83
C LYS B 173 -36.76 27.68 -7.48
N SER B 174 -36.79 27.67 -8.81
CA SER B 174 -37.67 26.76 -9.52
C SER B 174 -37.32 25.28 -9.36
N ASP B 175 -36.15 24.98 -8.82
CA ASP B 175 -35.76 23.59 -8.65
C ASP B 175 -34.63 23.41 -7.63
N LYS B 176 -34.98 23.21 -6.37
CA LYS B 176 -33.97 23.06 -5.33
C LYS B 176 -33.32 21.67 -5.34
N ASP B 177 -33.88 20.74 -6.09
CA ASP B 177 -33.31 19.41 -6.16
C ASP B 177 -32.14 19.37 -7.15
N PHE B 178 -32.22 20.21 -8.18
CA PHE B 178 -31.20 20.25 -9.23
C PHE B 178 -30.26 21.45 -9.16
N VAL B 179 -30.79 22.62 -8.84
CA VAL B 179 -29.96 23.82 -8.75
C VAL B 179 -29.42 23.88 -7.32
N ILE B 180 -28.14 23.57 -7.16
CA ILE B 180 -27.50 23.54 -5.85
C ILE B 180 -26.88 24.84 -5.36
N GLY B 181 -26.79 25.84 -6.24
CA GLY B 181 -26.20 27.08 -5.80
C GLY B 181 -25.77 28.02 -6.90
N PHE B 182 -24.80 28.87 -6.59
CA PHE B 182 -24.33 29.87 -7.55
C PHE B 182 -22.83 30.10 -7.60
N ILE B 183 -22.41 30.67 -8.72
CA ILE B 183 -21.06 31.15 -8.88
C ILE B 183 -21.41 32.60 -8.56
N ALA B 184 -20.90 33.11 -7.45
CA ALA B 184 -21.19 34.48 -7.06
C ALA B 184 -20.09 35.03 -6.17
N GLN B 185 -20.18 36.32 -5.87
CA GLN B 185 -19.19 37.02 -5.05
C GLN B 185 -19.71 37.37 -3.66
N ARG B 186 -20.91 36.92 -3.34
CA ARG B 186 -21.51 37.21 -2.05
C ARG B 186 -22.69 36.30 -1.77
N ASP B 187 -23.14 36.32 -0.52
CA ASP B 187 -24.29 35.51 -0.11
C ASP B 187 -25.50 35.91 -0.95
N MET B 188 -26.29 34.92 -1.37
CA MET B 188 -27.46 35.18 -2.18
C MET B 188 -28.72 34.98 -1.35
N GLY B 189 -28.56 34.94 -0.02
CA GLY B 189 -29.67 34.74 0.88
C GLY B 189 -30.44 33.45 0.60
N GLY B 190 -31.75 33.49 0.81
CA GLY B 190 -32.59 32.34 0.56
C GLY B 190 -32.91 31.41 1.72
N ARG B 191 -32.19 31.56 2.83
CA ARG B 191 -32.41 30.69 3.99
C ARG B 191 -33.83 30.74 4.57
N ASP B 192 -34.37 31.94 4.75
CA ASP B 192 -35.71 32.06 5.31
C ASP B 192 -36.81 31.59 4.35
N GLU B 193 -36.41 31.07 3.21
CA GLU B 193 -37.37 30.58 2.22
C GLU B 193 -37.20 29.08 1.98
N GLY B 194 -36.33 28.45 2.76
CA GLY B 194 -36.11 27.02 2.64
C GLY B 194 -35.01 26.57 1.71
N TYR B 195 -34.26 27.53 1.17
CA TYR B 195 -33.18 27.21 0.24
C TYR B 195 -31.82 27.27 0.94
N ASP B 196 -30.93 26.34 0.58
CA ASP B 196 -29.58 26.29 1.15
C ASP B 196 -28.63 26.21 -0.03
N TRP B 197 -28.30 27.37 -0.59
CA TRP B 197 -27.43 27.40 -1.75
C TRP B 197 -25.94 27.43 -1.48
N LEU B 198 -25.22 26.67 -2.30
CA LEU B 198 -23.77 26.65 -2.21
C LEU B 198 -23.30 27.91 -2.93
N ILE B 199 -22.40 28.66 -2.29
CA ILE B 199 -21.87 29.86 -2.90
C ILE B 199 -20.41 29.55 -3.25
N MET B 200 -20.12 29.45 -4.54
CA MET B 200 -18.77 29.16 -5.01
C MET B 200 -18.21 30.44 -5.62
N THR B 201 -17.10 30.91 -5.07
CA THR B 201 -16.50 32.17 -5.50
C THR B 201 -15.11 32.09 -6.12
N PRO B 202 -14.97 32.53 -7.38
CA PRO B 202 -13.68 32.51 -8.08
C PRO B 202 -12.94 33.85 -7.87
N GLY B 203 -11.72 33.95 -8.38
CA GLY B 203 -10.96 35.17 -8.24
C GLY B 203 -10.52 35.42 -6.80
N VAL B 204 -9.97 34.38 -6.19
CA VAL B 204 -9.52 34.45 -4.80
C VAL B 204 -8.00 34.32 -4.67
N GLY B 205 -7.42 35.11 -3.78
CA GLY B 205 -5.98 35.07 -3.56
C GLY B 205 -5.64 35.11 -2.08
N LEU B 206 -4.35 35.11 -1.76
CA LEU B 206 -3.90 35.14 -0.38
C LEU B 206 -3.04 36.35 -0.02
N ASP B 207 -3.07 37.38 -0.85
CA ASP B 207 -2.33 38.61 -0.58
C ASP B 207 -0.88 38.32 -0.22
N ASP B 208 -0.19 37.63 -1.12
CA ASP B 208 1.21 37.28 -0.89
C ASP B 208 2.15 38.47 -1.05
N LYS B 209 3.13 38.56 -0.16
CA LYS B 209 4.10 39.64 -0.17
C LYS B 209 4.77 39.84 -1.52
N GLY B 210 4.75 41.09 -2.00
CA GLY B 210 5.37 41.43 -3.26
C GLY B 210 4.68 40.95 -4.53
N ASP B 211 3.52 40.33 -4.38
CA ASP B 211 2.79 39.80 -5.54
C ASP B 211 1.62 40.70 -5.95
N ALA B 212 1.93 41.72 -6.76
CA ALA B 212 0.92 42.65 -7.23
C ALA B 212 -0.21 41.97 -8.00
N LEU B 213 0.15 41.05 -8.88
CA LEU B 213 -0.85 40.32 -9.67
C LEU B 213 -1.87 39.64 -8.77
N GLY B 214 -1.38 38.91 -7.76
CA GLY B 214 -2.26 38.20 -6.85
C GLY B 214 -3.04 39.11 -5.93
N GLN B 215 -2.47 40.28 -5.65
CA GLN B 215 -3.14 41.22 -4.77
C GLN B 215 -4.33 41.89 -5.45
N GLN B 216 -4.52 41.60 -6.73
CA GLN B 216 -5.65 42.14 -7.48
C GLN B 216 -6.92 41.38 -7.12
N TYR B 217 -6.75 40.23 -6.47
CA TYR B 217 -7.88 39.38 -6.09
C TYR B 217 -8.28 39.55 -4.64
N ARG B 218 -9.55 39.32 -4.34
CA ARG B 218 -10.03 39.40 -2.97
C ARG B 218 -9.37 38.22 -2.24
N THR B 219 -9.16 38.36 -0.94
CA THR B 219 -8.52 37.30 -0.18
C THR B 219 -9.47 36.19 0.25
N VAL B 220 -8.90 35.05 0.63
CA VAL B 220 -9.69 33.93 1.09
C VAL B 220 -10.54 34.39 2.28
N ASP B 221 -9.91 35.07 3.23
CA ASP B 221 -10.63 35.57 4.40
C ASP B 221 -11.77 36.50 4.02
N ASP B 222 -11.52 37.38 3.05
CA ASP B 222 -12.53 38.34 2.61
C ASP B 222 -13.79 37.64 2.08
N VAL B 223 -13.61 36.73 1.14
CA VAL B 223 -14.77 36.05 0.56
C VAL B 223 -15.47 35.05 1.48
N VAL B 224 -14.69 34.26 2.24
CA VAL B 224 -15.31 33.29 3.14
C VAL B 224 -16.05 34.04 4.24
N SER B 225 -15.45 35.14 4.71
CA SER B 225 -16.05 35.94 5.77
C SER B 225 -17.40 36.51 5.35
N THR B 226 -17.58 36.75 4.05
CA THR B 226 -18.81 37.34 3.55
C THR B 226 -19.83 36.40 2.91
N GLY B 227 -19.71 35.09 3.14
CA GLY B 227 -20.69 34.18 2.57
C GLY B 227 -20.25 33.10 1.60
N SER B 228 -19.01 33.15 1.15
CA SER B 228 -18.54 32.12 0.22
C SER B 228 -18.37 30.78 0.93
N ASP B 229 -18.94 29.73 0.33
CA ASP B 229 -18.85 28.38 0.90
C ASP B 229 -17.65 27.63 0.32
N ILE B 230 -17.33 27.92 -0.92
CA ILE B 230 -16.21 27.28 -1.61
C ILE B 230 -15.37 28.34 -2.30
N ILE B 231 -14.05 28.23 -2.15
CA ILE B 231 -13.16 29.18 -2.80
C ILE B 231 -12.60 28.50 -4.05
N ILE B 232 -12.74 29.17 -5.20
CA ILE B 232 -12.23 28.64 -6.46
C ILE B 232 -10.93 29.36 -6.78
N VAL B 233 -9.84 28.60 -6.74
CA VAL B 233 -8.50 29.13 -6.97
C VAL B 233 -7.91 28.49 -8.21
N GLY B 234 -7.31 29.31 -9.07
CA GLY B 234 -6.75 28.81 -10.31
C GLY B 234 -5.25 28.77 -10.42
N ARG B 235 -4.69 29.64 -11.26
CA ARG B 235 -3.24 29.69 -11.49
C ARG B 235 -2.43 29.89 -10.23
N GLY B 236 -3.06 30.44 -9.20
CA GLY B 236 -2.36 30.67 -7.94
C GLY B 236 -1.90 29.37 -7.30
N LEU B 237 -2.40 28.25 -7.81
CA LEU B 237 -2.04 26.95 -7.25
C LEU B 237 -0.93 26.25 -8.02
N PHE B 238 -0.72 26.60 -9.29
CA PHE B 238 0.28 25.88 -10.07
C PHE B 238 1.16 26.68 -11.03
N ALA B 239 0.75 27.88 -11.40
CA ALA B 239 1.53 28.69 -12.33
C ALA B 239 2.83 29.24 -11.75
N LYS B 240 3.68 29.76 -12.62
CA LYS B 240 4.95 30.37 -12.23
C LYS B 240 5.84 29.49 -11.36
N GLY B 241 5.92 28.20 -11.68
CA GLY B 241 6.77 27.29 -10.93
C GLY B 241 6.37 26.94 -9.51
N ARG B 242 5.13 27.22 -9.14
CA ARG B 242 4.68 26.89 -7.79
C ARG B 242 4.55 25.38 -7.64
N ASP B 243 4.53 24.91 -6.39
CA ASP B 243 4.39 23.48 -6.10
C ASP B 243 2.92 23.27 -5.76
N ALA B 244 2.19 22.64 -6.68
CA ALA B 244 0.76 22.39 -6.52
C ALA B 244 0.34 21.83 -5.16
N LYS B 245 1.07 20.84 -4.66
CA LYS B 245 0.74 20.26 -3.35
C LYS B 245 0.86 21.28 -2.22
N VAL B 246 1.94 22.05 -2.25
CA VAL B 246 2.19 23.07 -1.24
C VAL B 246 1.10 24.12 -1.28
N GLU B 247 0.83 24.67 -2.46
CA GLU B 247 -0.20 25.70 -2.60
C GLU B 247 -1.57 25.13 -2.20
N GLY B 248 -1.83 23.89 -2.58
CA GLY B 248 -3.11 23.27 -2.25
C GLY B 248 -3.33 23.28 -0.75
N GLU B 249 -2.31 22.87 0.00
CA GLU B 249 -2.41 22.86 1.45
C GLU B 249 -2.55 24.27 1.98
N ARG B 250 -1.78 25.20 1.43
CA ARG B 250 -1.84 26.59 1.88
C ARG B 250 -3.24 27.18 1.72
N TYR B 251 -3.84 27.00 0.55
CA TYR B 251 -5.20 27.52 0.32
C TYR B 251 -6.26 26.73 1.11
N ARG B 252 -6.11 25.42 1.22
CA ARG B 252 -7.07 24.61 1.97
C ARG B 252 -7.11 25.12 3.41
N LYS B 253 -5.91 25.24 3.99
CA LYS B 253 -5.76 25.68 5.37
C LYS B 253 -6.41 27.04 5.60
N ALA B 254 -6.07 28.01 4.74
CA ALA B 254 -6.62 29.35 4.86
C ALA B 254 -8.14 29.33 4.74
N GLY B 255 -8.65 28.60 3.75
CA GLY B 255 -10.09 28.50 3.54
C GLY B 255 -10.81 27.86 4.71
N TRP B 256 -10.24 26.80 5.26
CA TRP B 256 -10.88 26.13 6.37
C TRP B 256 -10.86 26.99 7.64
N GLU B 257 -9.70 27.59 7.92
CA GLU B 257 -9.57 28.44 9.10
C GLU B 257 -10.56 29.59 9.08
N ALA B 258 -10.73 30.21 7.91
CA ALA B 258 -11.68 31.33 7.78
C ALA B 258 -13.09 30.80 8.01
N TYR B 259 -13.38 29.61 7.50
CA TYR B 259 -14.69 28.99 7.67
C TYR B 259 -14.98 28.76 9.16
N LEU B 260 -14.01 28.21 9.88
CA LEU B 260 -14.21 27.95 11.32
C LEU B 260 -14.39 29.26 12.07
N ARG B 261 -13.69 30.29 11.61
CA ARG B 261 -13.76 31.61 12.22
C ARG B 261 -15.19 32.13 12.05
N ARG B 262 -15.78 31.83 10.89
CA ARG B 262 -17.14 32.25 10.58
C ARG B 262 -18.14 31.46 11.42
N LYS C 3 -1.63 8.33 10.06
CA LYS C 3 -2.93 8.76 10.66
C LYS C 3 -2.93 10.25 10.98
N ALA C 4 -4.12 10.82 11.04
CA ALA C 4 -4.28 12.23 11.39
C ALA C 4 -4.03 12.33 12.89
N THR C 5 -3.84 13.54 13.41
CA THR C 5 -3.61 13.70 14.83
C THR C 5 -4.92 13.43 15.56
N TYR C 6 -4.87 13.26 16.89
CA TYR C 6 -6.10 13.02 17.65
C TYR C 6 -7.04 14.22 17.50
N LYS C 7 -6.47 15.43 17.53
CA LYS C 7 -7.27 16.64 17.37
C LYS C 7 -8.00 16.64 16.02
N GLU C 8 -7.30 16.25 14.96
CA GLU C 8 -7.88 16.21 13.63
C GLU C 8 -8.97 15.14 13.53
N ARG C 9 -8.72 13.98 14.10
CA ARG C 9 -9.69 12.89 14.05
C ARG C 9 -10.97 13.26 14.82
N ALA C 10 -10.83 14.06 15.87
CA ALA C 10 -11.99 14.49 16.66
C ALA C 10 -12.92 15.36 15.83
N ALA C 11 -12.35 16.14 14.93
CA ALA C 11 -13.11 17.04 14.06
C ALA C 11 -13.81 16.34 12.90
N THR C 12 -13.31 15.18 12.49
CA THR C 12 -13.88 14.47 11.36
C THR C 12 -14.63 13.16 11.67
N HIS C 13 -14.40 12.59 12.83
CA HIS C 13 -15.04 11.30 13.14
C HIS C 13 -16.56 11.30 13.11
N PRO C 14 -17.15 10.27 12.47
CA PRO C 14 -18.61 10.16 12.39
C PRO C 14 -19.29 9.76 13.70
N SER C 15 -18.53 9.20 14.63
CA SER C 15 -19.08 8.79 15.93
C SER C 15 -18.81 9.83 17.02
N PRO C 16 -19.89 10.37 17.62
CA PRO C 16 -19.76 11.37 18.68
C PRO C 16 -18.91 10.93 19.87
N VAL C 17 -18.98 9.64 20.23
CA VAL C 17 -18.21 9.14 21.37
C VAL C 17 -16.74 9.13 21.00
N ALA C 18 -16.44 8.75 19.77
CA ALA C 18 -15.06 8.71 19.31
C ALA C 18 -14.51 10.13 19.32
N ALA C 19 -15.27 11.05 18.74
CA ALA C 19 -14.85 12.44 18.69
C ALA C 19 -14.58 12.97 20.10
N LYS C 20 -15.44 12.60 21.04
CA LYS C 20 -15.30 13.04 22.42
C LYS C 20 -14.01 12.49 22.99
N LEU C 21 -13.76 11.21 22.76
CA LEU C 21 -12.55 10.58 23.28
C LEU C 21 -11.30 11.24 22.69
N PHE C 22 -11.26 11.42 21.37
CA PHE C 22 -10.13 12.04 20.71
C PHE C 22 -9.82 13.44 21.26
N ASN C 23 -10.86 14.20 21.55
CA ASN C 23 -10.70 15.54 22.09
C ASN C 23 -10.07 15.50 23.48
N ILE C 24 -10.50 14.55 24.30
CA ILE C 24 -9.95 14.39 25.64
C ILE C 24 -8.46 14.06 25.53
N MET C 25 -8.12 13.16 24.63
CA MET C 25 -6.72 12.76 24.42
C MET C 25 -5.88 13.97 24.02
N HIS C 26 -6.39 14.80 23.12
CA HIS C 26 -5.67 15.98 22.69
C HIS C 26 -5.50 17.00 23.82
N GLU C 27 -6.59 17.31 24.51
CA GLU C 27 -6.55 18.30 25.58
C GLU C 27 -5.69 17.92 26.77
N LYS C 28 -5.77 16.65 27.18
CA LYS C 28 -5.03 16.17 28.33
C LYS C 28 -3.67 15.56 27.99
N GLN C 29 -3.37 15.55 26.70
CA GLN C 29 -2.09 15.00 26.24
C GLN C 29 -1.89 13.61 26.84
N THR C 30 -2.84 12.71 26.56
CA THR C 30 -2.76 11.36 27.06
C THR C 30 -3.49 10.39 26.15
N ASN C 31 -2.92 9.19 25.98
CA ASN C 31 -3.56 8.15 25.20
C ASN C 31 -3.56 6.90 26.09
N LEU C 32 -3.55 7.16 27.41
CA LEU C 32 -3.55 6.11 28.43
C LEU C 32 -4.92 5.67 28.94
N CYS C 33 -5.17 4.37 28.86
CA CYS C 33 -6.41 3.78 29.39
C CYS C 33 -5.97 2.92 30.57
N ALA C 34 -6.57 3.15 31.73
CA ALA C 34 -6.22 2.37 32.92
C ALA C 34 -7.26 1.25 33.07
N SER C 35 -6.79 0.01 33.13
CA SER C 35 -7.66 -1.16 33.27
C SER C 35 -7.56 -1.62 34.71
N LEU C 36 -8.60 -1.33 35.50
CA LEU C 36 -8.59 -1.65 36.91
C LEU C 36 -9.54 -2.78 37.29
N ASP C 37 -9.00 -3.99 37.38
CA ASP C 37 -9.79 -5.16 37.73
C ASP C 37 -9.64 -5.49 39.21
N VAL C 38 -10.25 -4.68 40.06
CA VAL C 38 -10.18 -4.87 41.50
C VAL C 38 -11.45 -5.51 42.07
N ARG C 39 -11.37 -5.97 43.31
CA ARG C 39 -12.50 -6.65 43.94
C ARG C 39 -13.54 -5.76 44.61
N THR C 40 -13.14 -4.60 45.11
CA THR C 40 -14.08 -3.72 45.80
C THR C 40 -14.22 -2.34 45.20
N THR C 41 -15.39 -1.75 45.40
CA THR C 41 -15.67 -0.41 44.90
C THR C 41 -14.71 0.59 45.54
N LYS C 42 -14.40 0.39 46.82
CA LYS C 42 -13.50 1.29 47.53
C LYS C 42 -12.13 1.36 46.84
N GLU C 43 -11.57 0.20 46.51
CA GLU C 43 -10.27 0.17 45.84
C GLU C 43 -10.38 0.88 44.49
N LEU C 44 -11.44 0.58 43.76
CA LEU C 44 -11.66 1.18 42.44
C LEU C 44 -11.71 2.69 42.49
N LEU C 45 -12.54 3.25 43.37
CA LEU C 45 -12.65 4.69 43.45
C LEU C 45 -11.33 5.35 43.85
N GLU C 46 -10.60 4.73 44.77
CA GLU C 46 -9.32 5.29 45.20
C GLU C 46 -8.34 5.37 44.02
N LEU C 47 -8.30 4.31 43.20
CA LEU C 47 -7.40 4.30 42.05
C LEU C 47 -7.84 5.28 40.97
N VAL C 48 -9.15 5.40 40.75
CA VAL C 48 -9.64 6.31 39.73
C VAL C 48 -9.36 7.76 40.12
N GLU C 49 -9.40 8.02 41.42
CA GLU C 49 -9.13 9.35 41.95
C GLU C 49 -7.68 9.74 41.62
N ALA C 50 -6.77 8.81 41.84
CA ALA C 50 -5.35 9.03 41.59
C ALA C 50 -4.96 9.06 40.11
N LEU C 51 -5.63 8.25 39.30
CA LEU C 51 -5.34 8.14 37.87
C LEU C 51 -6.14 9.08 36.97
N GLY C 52 -7.26 9.59 37.47
CA GLY C 52 -8.10 10.44 36.66
C GLY C 52 -7.43 11.50 35.80
N PRO C 53 -6.54 12.32 36.38
CA PRO C 53 -5.84 13.36 35.63
C PRO C 53 -4.95 12.86 34.49
N LYS C 54 -4.51 11.61 34.59
CA LYS C 54 -3.59 11.07 33.59
C LYS C 54 -4.16 10.15 32.51
N ILE C 55 -5.45 9.88 32.56
CA ILE C 55 -6.06 8.97 31.58
C ILE C 55 -7.14 9.59 30.70
N CYS C 56 -7.38 8.94 29.57
CA CYS C 56 -8.40 9.38 28.64
C CYS C 56 -9.54 8.37 28.74
N LEU C 57 -9.23 7.20 29.28
CA LEU C 57 -10.21 6.14 29.38
C LEU C 57 -9.96 5.21 30.56
N LEU C 58 -11.05 4.79 31.21
CA LEU C 58 -11.00 3.88 32.34
C LEU C 58 -11.72 2.59 31.97
N LYS C 59 -11.05 1.46 32.08
CA LYS C 59 -11.69 0.19 31.79
C LYS C 59 -12.12 -0.47 33.10
N THR C 60 -13.43 -0.59 33.28
CA THR C 60 -13.99 -1.20 34.48
C THR C 60 -14.24 -2.69 34.25
N HIS C 61 -14.33 -3.44 35.34
CA HIS C 61 -14.60 -4.87 35.28
C HIS C 61 -15.65 -5.13 36.36
N VAL C 62 -16.90 -4.73 36.10
CA VAL C 62 -17.93 -4.87 37.11
C VAL C 62 -18.30 -6.29 37.52
N ASP C 63 -18.02 -7.27 36.66
CA ASP C 63 -18.36 -8.66 36.98
C ASP C 63 -17.54 -9.25 38.11
N ILE C 64 -16.43 -8.62 38.47
CA ILE C 64 -15.62 -9.16 39.55
C ILE C 64 -15.70 -8.34 40.81
N LEU C 65 -16.48 -7.27 40.77
CA LEU C 65 -16.67 -6.45 41.97
C LEU C 65 -17.59 -7.23 42.89
N THR C 66 -17.30 -7.20 44.17
CA THR C 66 -18.12 -7.93 45.13
C THR C 66 -19.22 -7.03 45.69
N ASP C 67 -19.07 -5.73 45.50
CA ASP C 67 -20.06 -4.78 46.02
C ASP C 67 -20.54 -3.75 45.01
N PHE C 68 -20.83 -4.18 43.79
CA PHE C 68 -21.32 -3.27 42.77
C PHE C 68 -22.71 -2.74 43.11
N SER C 69 -22.92 -1.46 42.88
CA SER C 69 -24.23 -0.85 43.11
C SER C 69 -24.32 0.42 42.26
N MET C 70 -25.52 0.71 41.78
CA MET C 70 -25.75 1.89 40.96
C MET C 70 -25.44 3.14 41.75
N GLU C 71 -25.82 3.12 43.02
CA GLU C 71 -25.62 4.27 43.91
C GLU C 71 -24.21 4.38 44.50
N GLY C 72 -23.62 3.23 44.83
CA GLY C 72 -22.30 3.24 45.43
C GLY C 72 -21.12 3.11 44.48
N THR C 73 -21.35 2.60 43.29
CA THR C 73 -20.26 2.42 42.32
C THR C 73 -20.38 3.35 41.14
N VAL C 74 -21.44 3.19 40.37
CA VAL C 74 -21.65 4.00 39.17
C VAL C 74 -21.77 5.50 39.40
N LYS C 75 -22.57 5.92 40.38
CA LYS C 75 -22.73 7.35 40.62
C LYS C 75 -21.40 8.06 40.91
N PRO C 76 -20.65 7.60 41.92
CA PRO C 76 -19.37 8.29 42.17
C PRO C 76 -18.38 8.11 41.02
N LEU C 77 -18.57 7.07 40.22
CA LEU C 77 -17.67 6.84 39.10
C LEU C 77 -17.98 7.88 38.01
N LYS C 78 -19.26 8.16 37.79
CA LYS C 78 -19.64 9.15 36.79
C LYS C 78 -19.16 10.53 37.21
N ALA C 79 -19.16 10.79 38.52
CA ALA C 79 -18.71 12.08 39.05
C ALA C 79 -17.22 12.24 38.77
N LEU C 80 -16.46 11.18 38.99
CA LEU C 80 -15.01 11.19 38.76
C LEU C 80 -14.72 11.38 37.27
N SER C 81 -15.51 10.72 36.43
CA SER C 81 -15.36 10.83 34.99
C SER C 81 -15.59 12.28 34.57
N ALA C 82 -16.56 12.92 35.22
CA ALA C 82 -16.89 14.31 34.91
C ALA C 82 -15.81 15.26 35.43
N LYS C 83 -15.34 14.99 36.64
CA LYS C 83 -14.33 15.82 37.29
C LYS C 83 -12.98 15.83 36.60
N TYR C 84 -12.48 14.66 36.25
CA TYR C 84 -11.16 14.52 35.63
C TYR C 84 -11.20 14.39 34.11
N ASN C 85 -12.41 14.36 33.55
CA ASN C 85 -12.60 14.27 32.11
C ASN C 85 -12.00 13.05 31.42
N PHE C 86 -12.65 11.90 31.60
CA PHE C 86 -12.23 10.67 30.95
C PHE C 86 -13.50 9.84 30.71
N LEU C 87 -13.44 8.90 29.77
CA LEU C 87 -14.61 8.09 29.47
C LEU C 87 -14.57 6.74 30.18
N LEU C 88 -15.70 6.04 30.17
CA LEU C 88 -15.83 4.74 30.81
C LEU C 88 -16.00 3.63 29.77
N PHE C 89 -15.20 2.59 29.94
CA PHE C 89 -15.20 1.42 29.06
C PHE C 89 -15.33 0.15 29.92
N GLU C 90 -16.50 -0.51 29.84
CA GLU C 90 -16.72 -1.73 30.64
C GLU C 90 -16.21 -2.98 29.93
N ASN C 91 -15.57 -3.84 30.71
CA ASN C 91 -14.96 -5.07 30.23
C ASN C 91 -15.86 -6.10 29.55
N ARG C 92 -17.04 -6.32 30.11
CA ARG C 92 -17.97 -7.34 29.61
C ARG C 92 -17.90 -7.57 28.11
N LYS C 93 -17.45 -8.77 27.74
CA LYS C 93 -17.32 -9.11 26.35
C LYS C 93 -18.61 -9.71 25.79
N PHE C 94 -19.48 -8.86 25.29
CA PHE C 94 -20.75 -9.31 24.75
C PHE C 94 -20.53 -10.31 23.61
N ALA C 95 -21.32 -11.38 23.63
CA ALA C 95 -21.20 -12.42 22.62
C ALA C 95 -22.50 -13.16 22.30
N ASP C 96 -23.57 -12.41 22.05
CA ASP C 96 -24.86 -13.00 21.69
C ASP C 96 -25.59 -11.98 20.82
N ILE C 97 -26.80 -12.31 20.39
CA ILE C 97 -27.58 -11.40 19.56
C ILE C 97 -29.00 -11.27 20.10
N GLY C 98 -29.84 -10.53 19.38
CA GLY C 98 -31.23 -10.38 19.78
C GLY C 98 -31.48 -9.75 21.14
N ASN C 99 -32.69 -9.94 21.66
CA ASN C 99 -33.04 -9.38 22.97
C ASN C 99 -32.13 -9.81 24.10
N THR C 100 -31.56 -11.00 24.01
CA THR C 100 -30.66 -11.47 25.06
C THR C 100 -29.48 -10.51 25.19
N VAL C 101 -28.78 -10.23 24.08
CA VAL C 101 -27.63 -9.34 24.15
C VAL C 101 -28.06 -7.90 24.48
N LYS C 102 -29.22 -7.48 23.98
CA LYS C 102 -29.71 -6.14 24.27
C LYS C 102 -29.93 -5.97 25.77
N LEU C 103 -30.54 -6.97 26.40
CA LEU C 103 -30.80 -6.93 27.84
C LEU C 103 -29.53 -7.13 28.67
N GLN C 104 -28.57 -7.88 28.17
CA GLN C 104 -27.32 -8.10 28.90
C GLN C 104 -26.57 -6.77 28.97
N TYR C 105 -26.78 -5.93 27.95
CA TYR C 105 -26.12 -4.64 27.86
C TYR C 105 -26.90 -3.52 28.55
N SER C 106 -28.22 -3.54 28.41
CA SER C 106 -29.07 -2.50 28.97
C SER C 106 -29.73 -2.75 30.31
N ALA C 107 -29.98 -4.03 30.63
CA ALA C 107 -30.67 -4.37 31.86
C ALA C 107 -29.83 -5.02 32.95
N GLY C 108 -30.49 -5.89 33.72
CA GLY C 108 -29.83 -6.59 34.80
C GLY C 108 -29.49 -5.64 35.93
N VAL C 109 -28.66 -6.08 36.86
CA VAL C 109 -28.28 -5.24 37.97
C VAL C 109 -27.26 -4.19 37.53
N TYR C 110 -26.44 -4.54 36.54
CA TYR C 110 -25.39 -3.63 36.07
C TYR C 110 -25.82 -2.48 35.16
N ARG C 111 -26.86 -2.70 34.35
CA ARG C 111 -27.37 -1.66 33.45
C ARG C 111 -26.23 -0.90 32.77
N ILE C 112 -25.29 -1.65 32.23
CA ILE C 112 -24.12 -1.10 31.56
C ILE C 112 -24.35 0.03 30.56
N ALA C 113 -25.35 -0.12 29.70
CA ALA C 113 -25.63 0.89 28.69
C ALA C 113 -25.94 2.26 29.29
N GLU C 114 -26.41 2.26 30.54
CA GLU C 114 -26.75 3.52 31.19
C GLU C 114 -25.56 4.37 31.59
N TRP C 115 -24.38 3.75 31.75
CA TRP C 115 -23.20 4.51 32.17
C TRP C 115 -21.91 4.32 31.37
N ALA C 116 -21.76 3.17 30.71
CA ALA C 116 -20.54 2.91 29.94
C ALA C 116 -20.54 3.58 28.56
N ASP C 117 -19.64 4.54 28.39
CA ASP C 117 -19.52 5.26 27.12
C ASP C 117 -19.19 4.30 26.00
N ILE C 118 -18.27 3.39 26.31
CA ILE C 118 -17.77 2.42 25.35
C ILE C 118 -17.85 0.98 25.87
N THR C 119 -18.18 0.05 24.99
CA THR C 119 -18.22 -1.36 25.34
C THR C 119 -17.51 -2.15 24.23
N ASN C 120 -17.35 -3.45 24.41
CA ASN C 120 -16.73 -4.27 23.37
C ASN C 120 -17.52 -5.55 23.11
N ALA C 121 -17.35 -6.10 21.91
CA ALA C 121 -18.06 -7.32 21.52
C ALA C 121 -17.21 -8.27 20.69
N HIS C 122 -17.50 -9.56 20.80
CA HIS C 122 -16.82 -10.58 20.02
C HIS C 122 -17.59 -10.61 18.70
N GLY C 123 -16.88 -10.56 17.58
CA GLY C 123 -17.58 -10.58 16.30
C GLY C 123 -18.05 -11.96 15.84
N VAL C 124 -17.68 -13.00 16.57
CA VAL C 124 -18.06 -14.36 16.18
C VAL C 124 -19.54 -14.59 15.87
N VAL C 125 -20.43 -13.94 16.62
CA VAL C 125 -21.87 -14.11 16.40
C VAL C 125 -22.41 -13.38 15.17
N GLY C 126 -21.58 -12.60 14.50
CA GLY C 126 -22.03 -11.89 13.31
C GLY C 126 -22.50 -10.46 13.57
N PRO C 127 -22.86 -9.72 12.50
CA PRO C 127 -23.33 -8.33 12.53
C PRO C 127 -24.48 -8.06 13.48
N GLY C 128 -25.24 -9.10 13.81
CA GLY C 128 -26.36 -8.93 14.71
C GLY C 128 -25.99 -8.37 16.08
N ILE C 129 -24.75 -8.59 16.51
CA ILE C 129 -24.34 -8.06 17.80
C ILE C 129 -24.17 -6.55 17.71
N VAL C 130 -23.71 -6.07 16.56
CA VAL C 130 -23.53 -4.64 16.34
C VAL C 130 -24.89 -3.93 16.26
N SER C 131 -25.78 -4.46 15.42
CA SER C 131 -27.10 -3.84 15.27
C SER C 131 -27.91 -3.94 16.56
N GLY C 132 -27.78 -5.06 17.26
CA GLY C 132 -28.50 -5.25 18.51
C GLY C 132 -28.04 -4.29 19.59
N LEU C 133 -26.73 -4.19 19.78
CA LEU C 133 -26.19 -3.28 20.79
C LEU C 133 -26.50 -1.83 20.43
N LYS C 134 -26.45 -1.50 19.15
CA LYS C 134 -26.74 -0.14 18.71
C LYS C 134 -28.17 0.24 19.07
N GLN C 135 -29.10 -0.66 18.83
CA GLN C 135 -30.51 -0.40 19.12
C GLN C 135 -30.73 -0.24 20.63
N ALA C 136 -30.10 -1.09 21.42
CA ALA C 136 -30.24 -1.00 22.87
C ALA C 136 -29.67 0.33 23.35
N ALA C 137 -28.55 0.75 22.76
CA ALA C 137 -27.92 2.02 23.14
C ALA C 137 -28.86 3.19 22.87
N GLU C 138 -29.42 3.23 21.66
CA GLU C 138 -30.33 4.32 21.29
C GLU C 138 -31.59 4.32 22.15
N GLU C 139 -32.08 3.13 22.49
CA GLU C 139 -33.28 3.00 23.29
C GLU C 139 -33.07 3.35 24.77
N VAL C 140 -31.83 3.22 25.24
CA VAL C 140 -31.53 3.49 26.63
C VAL C 140 -31.13 4.94 26.96
N THR C 141 -30.30 5.55 26.11
CA THR C 141 -29.85 6.90 26.38
C THR C 141 -29.62 7.73 25.11
N LYS C 142 -29.60 9.05 25.30
CA LYS C 142 -29.35 9.98 24.20
C LYS C 142 -27.86 10.27 24.17
N GLU C 143 -27.18 9.90 25.25
CA GLU C 143 -25.74 10.12 25.37
C GLU C 143 -24.99 9.27 24.35
N PRO C 144 -23.86 9.80 23.84
CA PRO C 144 -23.03 9.09 22.86
C PRO C 144 -22.58 7.72 23.38
N ARG C 145 -22.76 6.70 22.54
CA ARG C 145 -22.35 5.34 22.89
C ARG C 145 -21.54 4.77 21.72
N GLY C 146 -20.52 3.99 22.03
CA GLY C 146 -19.70 3.41 20.98
C GLY C 146 -19.29 1.97 21.28
N LEU C 147 -18.91 1.24 20.23
CA LEU C 147 -18.53 -0.15 20.38
C LEU C 147 -17.19 -0.50 19.74
N LEU C 148 -16.40 -1.30 20.45
CA LEU C 148 -15.11 -1.79 19.95
C LEU C 148 -15.31 -3.26 19.65
N MET C 149 -14.76 -3.74 18.54
CA MET C 149 -14.85 -5.17 18.23
C MET C 149 -13.55 -5.79 18.73
N LEU C 150 -13.66 -6.97 19.32
CA LEU C 150 -12.51 -7.70 19.86
C LEU C 150 -11.85 -8.44 18.70
N ALA C 151 -11.09 -7.69 17.91
CA ALA C 151 -10.42 -8.22 16.72
C ALA C 151 -9.23 -9.14 16.96
N GLU C 152 -8.46 -8.86 18.01
CA GLU C 152 -7.30 -9.67 18.34
C GLU C 152 -7.16 -9.82 19.84
N LEU C 153 -7.39 -11.04 20.33
CA LEU C 153 -7.28 -11.33 21.75
C LEU C 153 -5.85 -11.67 22.13
N SER C 154 -5.54 -11.57 23.42
CA SER C 154 -4.19 -11.83 23.91
C SER C 154 -4.06 -13.11 24.73
N CYS C 155 -5.19 -13.73 25.08
CA CYS C 155 -5.16 -14.95 25.87
C CYS C 155 -4.60 -16.14 25.10
N LYS C 156 -3.97 -17.06 25.84
CA LYS C 156 -3.36 -18.25 25.26
C LYS C 156 -4.33 -19.14 24.50
N GLY C 157 -3.97 -19.49 23.28
CA GLY C 157 -4.81 -20.34 22.47
C GLY C 157 -6.01 -19.66 21.85
N SER C 158 -6.05 -18.33 21.89
CA SER C 158 -7.17 -17.59 21.32
C SER C 158 -7.32 -17.90 19.82
N LEU C 159 -8.54 -17.85 19.32
CA LEU C 159 -8.80 -18.14 17.92
C LEU C 159 -9.01 -16.90 17.06
N ALA C 160 -8.77 -15.72 17.63
CA ALA C 160 -8.94 -14.46 16.93
C ALA C 160 -7.75 -14.19 16.02
N THR C 161 -7.62 -15.00 14.98
CA THR C 161 -6.51 -14.82 14.06
C THR C 161 -6.94 -15.06 12.62
N GLY C 162 -6.08 -14.61 11.71
CA GLY C 162 -6.34 -14.77 10.29
C GLY C 162 -7.68 -14.32 9.79
N GLU C 163 -8.48 -15.29 9.32
CA GLU C 163 -9.80 -15.02 8.77
C GLU C 163 -10.75 -14.42 9.78
N TYR C 164 -10.59 -14.75 11.06
CA TYR C 164 -11.46 -14.22 12.10
C TYR C 164 -11.31 -12.71 12.24
N THR C 165 -10.06 -12.27 12.30
CA THR C 165 -9.78 -10.84 12.43
C THR C 165 -10.29 -10.12 11.19
N LYS C 166 -10.06 -10.72 10.02
CA LYS C 166 -10.52 -10.14 8.77
C LYS C 166 -12.05 -10.02 8.79
N GLY C 167 -12.72 -11.06 9.27
CA GLY C 167 -14.17 -11.04 9.32
C GLY C 167 -14.68 -10.02 10.32
N THR C 168 -13.94 -9.81 11.40
CA THR C 168 -14.32 -8.86 12.44
C THR C 168 -14.24 -7.44 11.87
N VAL C 169 -13.19 -7.19 11.10
CA VAL C 169 -13.03 -5.88 10.48
C VAL C 169 -14.19 -5.64 9.52
N ASP C 170 -14.57 -6.67 8.76
CA ASP C 170 -15.68 -6.54 7.82
C ASP C 170 -16.97 -6.20 8.56
N ILE C 171 -17.18 -6.80 9.72
CA ILE C 171 -18.38 -6.52 10.50
C ILE C 171 -18.36 -5.06 10.96
N ALA C 172 -17.18 -4.58 11.34
CA ALA C 172 -17.02 -3.21 11.78
C ALA C 172 -17.46 -2.25 10.67
N LYS C 173 -17.13 -2.57 9.43
CA LYS C 173 -17.49 -1.73 8.30
C LYS C 173 -19.00 -1.54 8.14
N SER C 174 -19.80 -2.39 8.79
CA SER C 174 -21.25 -2.28 8.67
C SER C 174 -21.86 -1.07 9.36
N ASP C 175 -21.10 -0.43 10.25
CA ASP C 175 -21.62 0.73 10.97
C ASP C 175 -20.48 1.60 11.50
N LYS C 176 -20.05 2.58 10.72
CA LYS C 176 -18.97 3.47 11.15
C LYS C 176 -19.46 4.45 12.19
N ASP C 177 -20.78 4.57 12.35
CA ASP C 177 -21.34 5.49 13.32
C ASP C 177 -21.27 4.94 14.74
N PHE C 178 -21.41 3.61 14.86
CA PHE C 178 -21.42 2.97 16.17
C PHE C 178 -20.15 2.19 16.50
N VAL C 179 -19.57 1.51 15.51
CA VAL C 179 -18.34 0.76 15.77
C VAL C 179 -17.17 1.72 15.58
N ILE C 180 -16.58 2.13 16.69
CA ILE C 180 -15.49 3.11 16.67
C ILE C 180 -14.09 2.54 16.53
N GLY C 181 -13.93 1.24 16.68
CA GLY C 181 -12.62 0.66 16.56
C GLY C 181 -12.50 -0.76 17.04
N PHE C 182 -11.27 -1.12 17.43
CA PHE C 182 -10.98 -2.48 17.87
C PHE C 182 -10.03 -2.56 19.04
N ILE C 183 -10.10 -3.71 19.71
CA ILE C 183 -9.14 -4.03 20.75
C ILE C 183 -8.29 -4.90 19.83
N ALA C 184 -7.06 -4.47 19.56
CA ALA C 184 -6.18 -5.21 18.67
C ALA C 184 -4.73 -4.92 18.99
N GLN C 185 -3.84 -5.69 18.38
CA GLN C 185 -2.41 -5.52 18.61
C GLN C 185 -1.72 -4.80 17.46
N ARG C 186 -2.47 -4.49 16.42
CA ARG C 186 -1.89 -3.81 15.27
C ARG C 186 -2.90 -2.98 14.50
N ASP C 187 -2.42 -2.23 13.51
CA ASP C 187 -3.27 -1.40 12.67
C ASP C 187 -4.18 -2.31 11.86
N MET C 188 -5.44 -1.90 11.71
CA MET C 188 -6.42 -2.69 10.95
C MET C 188 -6.76 -2.04 9.62
N GLY C 189 -5.95 -1.07 9.21
CA GLY C 189 -6.18 -0.38 7.95
C GLY C 189 -7.48 0.41 7.97
N GLY C 190 -8.18 0.45 6.84
CA GLY C 190 -9.44 1.16 6.76
C GLY C 190 -9.41 2.56 6.18
N ARG C 191 -8.31 3.27 6.34
CA ARG C 191 -8.20 4.64 5.84
C ARG C 191 -8.52 4.84 4.36
N ASP C 192 -8.22 3.84 3.53
CA ASP C 192 -8.50 3.96 2.10
C ASP C 192 -10.00 3.83 1.81
N GLU C 193 -10.73 3.18 2.71
CA GLU C 193 -12.17 2.98 2.51
C GLU C 193 -13.03 4.00 3.26
N GLY C 194 -12.40 4.97 3.92
CA GLY C 194 -13.16 5.98 4.64
C GLY C 194 -13.43 5.67 6.10
N TYR C 195 -12.70 4.71 6.65
CA TYR C 195 -12.87 4.35 8.05
C TYR C 195 -11.72 4.91 8.88
N ASP C 196 -12.03 5.38 10.07
CA ASP C 196 -11.05 5.93 11.00
C ASP C 196 -11.21 5.17 12.32
N TRP C 197 -10.56 4.02 12.41
CA TRP C 197 -10.70 3.20 13.60
C TRP C 197 -9.72 3.43 14.74
N LEU C 198 -10.26 3.46 15.95
CA LEU C 198 -9.46 3.60 17.15
C LEU C 198 -8.87 2.23 17.42
N ILE C 199 -7.57 2.18 17.65
CA ILE C 199 -6.89 0.93 17.95
C ILE C 199 -6.45 1.00 19.41
N MET C 200 -7.09 0.21 20.25
CA MET C 200 -6.74 0.18 21.66
C MET C 200 -6.01 -1.12 21.91
N THR C 201 -4.82 -1.01 22.46
CA THR C 201 -3.98 -2.17 22.67
C THR C 201 -3.59 -2.51 24.11
N PRO C 202 -4.04 -3.68 24.59
CA PRO C 202 -3.74 -4.14 25.95
C PRO C 202 -2.41 -4.88 25.97
N GLY C 203 -1.97 -5.28 27.17
CA GLY C 203 -0.73 -6.01 27.29
C GLY C 203 0.49 -5.16 27.02
N VAL C 204 0.46 -3.91 27.51
CA VAL C 204 1.56 -2.99 27.31
C VAL C 204 2.35 -2.80 28.61
N GLY C 205 3.67 -2.78 28.49
CA GLY C 205 4.51 -2.59 29.67
C GLY C 205 5.87 -2.02 29.34
N ARG C 218 4.28 -6.09 25.55
CA ARG C 218 5.00 -5.26 24.59
C ARG C 218 5.23 -3.87 25.17
N THR C 219 6.23 -3.16 24.67
CA THR C 219 6.54 -1.82 25.16
C THR C 219 5.65 -0.74 24.58
N VAL C 220 5.59 0.39 25.28
CA VAL C 220 4.77 1.52 24.83
C VAL C 220 5.25 1.97 23.45
N ASP C 221 6.56 2.17 23.32
CA ASP C 221 7.13 2.58 22.04
C ASP C 221 6.79 1.59 20.94
N ASP C 222 6.84 0.31 21.27
CA ASP C 222 6.53 -0.74 20.30
C ASP C 222 5.11 -0.63 19.74
N VAL C 223 4.12 -0.67 20.61
CA VAL C 223 2.74 -0.59 20.15
C VAL C 223 2.36 0.72 19.47
N VAL C 224 2.75 1.84 20.04
CA VAL C 224 2.39 3.13 19.45
C VAL C 224 3.01 3.37 18.07
N SER C 225 4.28 3.04 17.90
CA SER C 225 4.93 3.24 16.60
C SER C 225 4.31 2.32 15.55
N THR C 226 3.73 1.21 16.01
CA THR C 226 3.09 0.23 15.13
C THR C 226 1.71 0.69 14.67
N GLY C 227 1.12 1.64 15.38
CA GLY C 227 -0.18 2.13 14.99
C GLY C 227 -1.25 2.12 16.06
N SER C 228 -0.90 1.78 17.29
CA SER C 228 -1.88 1.77 18.37
C SER C 228 -2.21 3.20 18.76
N ASP C 229 -3.49 3.49 18.99
CA ASP C 229 -3.92 4.84 19.35
C ASP C 229 -4.00 5.03 20.86
N ILE C 230 -4.36 3.97 21.55
CA ILE C 230 -4.49 3.98 23.00
C ILE C 230 -3.82 2.77 23.61
N ILE C 231 -3.04 2.99 24.67
CA ILE C 231 -2.39 1.90 25.37
C ILE C 231 -3.22 1.56 26.61
N ILE C 232 -3.53 0.27 26.77
CA ILE C 232 -4.31 -0.18 27.91
C ILE C 232 -3.34 -0.87 28.87
N VAL C 233 -3.16 -0.26 30.03
CA VAL C 233 -2.26 -0.79 31.04
C VAL C 233 -3.04 -1.18 32.28
N GLY C 234 -2.76 -2.37 32.81
CA GLY C 234 -3.46 -2.83 33.98
C GLY C 234 -2.68 -2.78 35.26
N ARG C 235 -2.44 -3.95 35.85
CA ARG C 235 -1.71 -4.06 37.10
C ARG C 235 -0.36 -3.36 37.14
N GLY C 236 0.18 -3.04 35.98
CA GLY C 236 1.45 -2.34 35.93
C GLY C 236 1.36 -0.93 36.47
N LEU C 237 0.13 -0.47 36.69
CA LEU C 237 -0.12 0.86 37.22
C LEU C 237 -0.38 0.88 38.71
N PHE C 238 -0.84 -0.24 39.27
CA PHE C 238 -1.20 -0.24 40.68
C PHE C 238 -0.84 -1.43 41.55
N ALA C 239 -0.36 -2.52 40.97
CA ALA C 239 -0.03 -3.69 41.76
C ALA C 239 1.38 -3.66 42.34
N LYS C 240 1.66 -4.65 43.19
CA LYS C 240 2.96 -4.79 43.82
C LYS C 240 3.46 -3.58 44.60
N GLY C 241 2.55 -2.87 45.24
CA GLY C 241 2.94 -1.70 46.02
C GLY C 241 3.25 -0.44 45.23
N ARG C 242 2.98 -0.45 43.93
CA ARG C 242 3.25 0.71 43.09
C ARG C 242 2.34 1.88 43.46
N ASP C 243 2.80 3.08 43.17
CA ASP C 243 2.05 4.30 43.43
C ASP C 243 1.32 4.62 42.14
N ALA C 244 0.01 4.42 42.13
CA ALA C 244 -0.82 4.65 40.94
C ALA C 244 -0.63 6.01 40.27
N LYS C 245 -0.55 7.07 41.06
CA LYS C 245 -0.38 8.40 40.48
C LYS C 245 0.94 8.50 39.74
N VAL C 246 2.00 7.98 40.35
CA VAL C 246 3.33 8.02 39.74
C VAL C 246 3.36 7.21 38.44
N GLU C 247 2.84 5.99 38.49
CA GLU C 247 2.82 5.14 37.30
C GLU C 247 1.93 5.72 36.21
N GLY C 248 0.84 6.36 36.61
CA GLY C 248 -0.04 6.96 35.63
C GLY C 248 0.68 8.02 34.82
N GLU C 249 1.51 8.82 35.49
CA GLU C 249 2.27 9.88 34.80
C GLU C 249 3.36 9.24 33.95
N ARG C 250 4.02 8.24 34.50
CA ARG C 250 5.09 7.53 33.82
C ARG C 250 4.58 6.96 32.47
N TYR C 251 3.48 6.23 32.52
CA TYR C 251 2.91 5.66 31.30
C TYR C 251 2.32 6.71 30.36
N ARG C 252 1.69 7.74 30.92
CA ARG C 252 1.11 8.79 30.08
C ARG C 252 2.22 9.44 29.26
N LYS C 253 3.34 9.74 29.92
CA LYS C 253 4.46 10.38 29.26
C LYS C 253 5.01 9.51 28.14
N ALA C 254 5.25 8.23 28.44
CA ALA C 254 5.79 7.30 27.47
C ALA C 254 4.84 7.18 26.26
N GLY C 255 3.55 7.07 26.54
CA GLY C 255 2.57 6.94 25.49
C GLY C 255 2.43 8.18 24.63
N TRP C 256 2.37 9.34 25.26
CA TRP C 256 2.22 10.60 24.55
C TRP C 256 3.48 10.92 23.72
N GLU C 257 4.65 10.72 24.30
CA GLU C 257 5.90 10.99 23.58
C GLU C 257 6.01 10.09 22.35
N ALA C 258 5.61 8.83 22.48
CA ALA C 258 5.67 7.90 21.36
C ALA C 258 4.75 8.40 20.26
N TYR C 259 3.59 8.89 20.66
CA TYR C 259 2.61 9.42 19.72
C TYR C 259 3.18 10.63 18.99
N LEU C 260 3.79 11.54 19.74
CA LEU C 260 4.38 12.72 19.14
C LEU C 260 5.45 12.38 18.10
N ARG C 261 6.19 11.31 18.35
CA ARG C 261 7.24 10.88 17.41
C ARG C 261 6.69 10.28 16.13
N ARG C 262 5.59 9.55 16.25
CA ARG C 262 4.96 8.89 15.11
C ARG C 262 4.60 9.89 14.00
N CYS C 263 4.76 9.46 12.75
CA CYS C 263 4.47 10.32 11.60
C CYS C 263 2.99 10.56 11.38
N GLY C 264 2.61 11.83 11.27
CA GLY C 264 1.21 12.18 11.05
C GLY C 264 0.91 12.33 9.56
N GLN C 265 -0.38 12.32 9.22
CA GLN C 265 -0.79 12.47 7.84
C GLN C 265 -0.72 13.93 7.43
N GLN C 266 0.24 14.25 6.57
CA GLN C 266 0.43 15.63 6.11
C GLN C 266 -0.26 15.89 4.77
N LYS D 3 33.59 8.91 -22.90
CA LYS D 3 32.27 9.29 -22.33
C LYS D 3 32.20 10.78 -22.00
N ALA D 4 30.98 11.29 -21.93
CA ALA D 4 30.74 12.69 -21.58
C ALA D 4 30.98 12.80 -20.07
N THR D 5 31.15 14.02 -19.57
CA THR D 5 31.35 14.19 -18.14
C THR D 5 30.04 13.91 -17.41
N TYR D 6 30.10 13.76 -16.09
CA TYR D 6 28.89 13.51 -15.33
C TYR D 6 27.95 14.71 -15.49
N LYS D 7 28.51 15.91 -15.46
CA LYS D 7 27.72 17.13 -15.60
C LYS D 7 26.99 17.13 -16.94
N GLU D 8 27.68 16.73 -18.00
CA GLU D 8 27.08 16.72 -19.34
C GLU D 8 26.01 15.64 -19.47
N ARG D 9 26.25 14.49 -18.87
CA ARG D 9 25.28 13.39 -18.94
C ARG D 9 24.02 13.75 -18.15
N ALA D 10 24.18 14.54 -17.09
CA ALA D 10 23.04 14.95 -16.29
C ALA D 10 22.10 15.85 -17.10
N ALA D 11 22.67 16.59 -18.04
CA ALA D 11 21.90 17.51 -18.88
C ALA D 11 21.18 16.85 -20.05
N THR D 12 21.68 15.69 -20.48
CA THR D 12 21.08 15.01 -21.62
C THR D 12 20.34 13.70 -21.32
N HIS D 13 20.60 13.11 -20.18
CA HIS D 13 19.96 11.83 -19.89
C HIS D 13 18.43 11.84 -19.88
N PRO D 14 17.82 10.83 -20.52
CA PRO D 14 16.36 10.71 -20.59
C PRO D 14 15.66 10.33 -19.29
N SER D 15 16.41 9.78 -18.34
CA SER D 15 15.86 9.38 -17.05
C SER D 15 16.11 10.41 -15.96
N PRO D 16 15.04 10.91 -15.32
CA PRO D 16 15.19 11.90 -14.26
C PRO D 16 16.04 11.43 -13.07
N VAL D 17 15.95 10.16 -12.71
CA VAL D 17 16.75 9.66 -11.59
C VAL D 17 18.23 9.64 -11.96
N ALA D 18 18.52 9.28 -13.19
CA ALA D 18 19.90 9.23 -13.64
C ALA D 18 20.48 10.65 -13.68
N ALA D 19 19.69 11.59 -14.20
CA ALA D 19 20.13 12.98 -14.27
C ALA D 19 20.39 13.50 -12.85
N LYS D 20 19.53 13.12 -11.91
CA LYS D 20 19.70 13.57 -10.54
C LYS D 20 20.98 12.99 -9.96
N LEU D 21 21.24 11.72 -10.26
CA LEU D 21 22.45 11.08 -9.76
C LEU D 21 23.70 11.72 -10.36
N PHE D 22 23.70 11.92 -11.67
CA PHE D 22 24.83 12.55 -12.34
C PHE D 22 25.12 13.94 -11.77
N ASN D 23 24.08 14.69 -11.41
CA ASN D 23 24.29 16.02 -10.86
C ASN D 23 24.91 15.97 -9.48
N ILE D 24 24.47 15.02 -8.66
CA ILE D 24 25.02 14.83 -7.32
C ILE D 24 26.51 14.51 -7.44
N MET D 25 26.84 13.61 -8.37
CA MET D 25 28.22 13.22 -8.58
C MET D 25 29.07 14.42 -8.96
N HIS D 26 28.57 15.22 -9.89
CA HIS D 26 29.31 16.41 -10.31
C HIS D 26 29.50 17.41 -9.17
N GLU D 27 28.42 17.74 -8.47
CA GLU D 27 28.47 18.72 -7.40
C GLU D 27 29.30 18.33 -6.18
N LYS D 28 29.23 17.07 -5.78
CA LYS D 28 29.95 16.57 -4.62
C LYS D 28 31.31 15.95 -4.95
N GLN D 29 31.67 15.97 -6.23
CA GLN D 29 32.94 15.41 -6.68
C GLN D 29 33.12 14.00 -6.12
N THR D 30 32.16 13.14 -6.41
CA THR D 30 32.21 11.77 -5.93
C THR D 30 31.46 10.81 -6.85
N ASN D 31 32.03 9.62 -7.04
CA ASN D 31 31.38 8.59 -7.83
C ASN D 31 31.36 7.34 -6.94
N LEU D 32 31.42 7.58 -5.63
CA LEU D 32 31.43 6.52 -4.63
C LEU D 32 30.05 6.09 -4.10
N CYS D 33 29.82 4.79 -4.14
CA CYS D 33 28.59 4.18 -3.62
C CYS D 33 29.03 3.32 -2.45
N ALA D 34 28.42 3.55 -1.29
CA ALA D 34 28.75 2.76 -0.11
C ALA D 34 27.73 1.64 0.03
N SER D 35 28.20 0.40 0.06
CA SER D 35 27.33 -0.76 0.21
C SER D 35 27.41 -1.21 1.67
N LEU D 36 26.37 -0.91 2.45
CA LEU D 36 26.36 -1.23 3.87
C LEU D 36 25.42 -2.38 4.24
N ASP D 37 25.98 -3.58 4.38
CA ASP D 37 25.20 -4.76 4.71
C ASP D 37 25.37 -5.11 6.19
N VAL D 38 24.75 -4.30 7.04
CA VAL D 38 24.83 -4.50 8.49
C VAL D 38 23.57 -5.12 9.05
N ARG D 39 23.64 -5.61 10.28
CA ARG D 39 22.51 -6.28 10.91
C ARG D 39 21.45 -5.41 11.55
N THR D 40 21.85 -4.24 12.06
CA THR D 40 20.91 -3.35 12.73
C THR D 40 20.75 -1.97 12.13
N THR D 41 19.58 -1.38 12.34
CA THR D 41 19.30 -0.05 11.83
C THR D 41 20.29 0.93 12.48
N LYS D 42 20.61 0.69 13.74
CA LYS D 42 21.53 1.57 14.48
C LYS D 42 22.90 1.66 13.81
N GLU D 43 23.48 0.52 13.44
CA GLU D 43 24.78 0.52 12.77
C GLU D 43 24.64 1.21 11.43
N LEU D 44 23.56 0.92 10.72
CA LEU D 44 23.33 1.50 9.41
C LEU D 44 23.26 3.03 9.47
N LEU D 45 22.42 3.56 10.35
CA LEU D 45 22.29 5.00 10.48
C LEU D 45 23.61 5.66 10.89
N GLU D 46 24.34 5.00 11.79
CA GLU D 46 25.63 5.53 12.24
C GLU D 46 26.57 5.67 11.03
N LEU D 47 26.67 4.62 10.23
CA LEU D 47 27.55 4.63 9.06
C LEU D 47 27.12 5.62 7.99
N VAL D 48 25.82 5.71 7.73
CA VAL D 48 25.34 6.63 6.71
C VAL D 48 25.62 8.07 7.10
N GLU D 49 25.55 8.35 8.40
CA GLU D 49 25.82 9.69 8.90
C GLU D 49 27.27 10.06 8.56
N ALA D 50 28.18 9.13 8.80
CA ALA D 50 29.60 9.35 8.56
C ALA D 50 29.99 9.39 7.09
N LEU D 51 29.30 8.61 6.26
CA LEU D 51 29.63 8.54 4.84
C LEU D 51 28.83 9.51 3.96
N GLY D 52 27.70 9.98 4.46
CA GLY D 52 26.87 10.87 3.67
C GLY D 52 27.54 11.91 2.81
N PRO D 53 28.43 12.74 3.38
CA PRO D 53 29.12 13.78 2.62
C PRO D 53 29.99 13.27 1.48
N LYS D 54 30.42 12.02 1.57
CA LYS D 54 31.35 11.45 0.59
C LYS D 54 30.77 10.56 -0.50
N ILE D 55 29.47 10.29 -0.45
CA ILE D 55 28.87 9.38 -1.42
C ILE D 55 27.79 9.99 -2.30
N CYS D 56 27.55 9.34 -3.43
CA CYS D 56 26.52 9.77 -4.35
C CYS D 56 25.36 8.79 -4.23
N LEU D 57 25.66 7.60 -3.69
CA LEU D 57 24.65 6.56 -3.58
C LEU D 57 24.91 5.59 -2.43
N LEU D 58 23.83 5.22 -1.74
CA LEU D 58 23.89 4.28 -0.63
C LEU D 58 23.18 2.99 -1.01
N LYS D 59 23.89 1.87 -0.99
CA LYS D 59 23.26 0.60 -1.30
C LYS D 59 22.85 -0.07 0.00
N THR D 60 21.55 -0.20 0.21
CA THR D 60 21.00 -0.82 1.41
C THR D 60 20.79 -2.32 1.18
N HIS D 61 20.63 -3.05 2.28
CA HIS D 61 20.39 -4.50 2.24
C HIS D 61 19.33 -4.76 3.31
N VAL D 62 18.10 -4.35 3.04
CA VAL D 62 17.03 -4.50 4.03
C VAL D 62 16.68 -5.92 4.45
N ASP D 63 16.94 -6.89 3.58
CA ASP D 63 16.63 -8.29 3.90
C ASP D 63 17.46 -8.89 5.01
N ILE D 64 18.60 -8.28 5.35
CA ILE D 64 19.40 -8.85 6.43
C ILE D 64 19.29 -8.03 7.71
N LEU D 65 18.51 -6.95 7.66
CA LEU D 65 18.31 -6.13 8.85
C LEU D 65 17.39 -6.91 9.78
N THR D 66 17.71 -6.89 11.07
CA THR D 66 16.92 -7.59 12.05
C THR D 66 15.79 -6.71 12.59
N ASP D 67 15.96 -5.40 12.47
CA ASP D 67 14.95 -4.46 12.99
C ASP D 67 14.49 -3.41 11.99
N PHE D 68 14.21 -3.83 10.77
CA PHE D 68 13.73 -2.90 9.76
C PHE D 68 12.31 -2.43 10.05
N SER D 69 12.05 -1.15 9.82
CA SER D 69 10.72 -0.58 10.01
C SER D 69 10.66 0.72 9.22
N MET D 70 9.45 1.09 8.78
CA MET D 70 9.28 2.32 8.02
C MET D 70 9.59 3.54 8.87
N GLU D 71 9.21 3.48 10.14
CA GLU D 71 9.43 4.58 11.06
C GLU D 71 10.84 4.66 11.62
N GLY D 72 11.43 3.52 11.92
CA GLY D 72 12.77 3.51 12.48
C GLY D 72 13.92 3.42 11.49
N THR D 73 13.65 2.91 10.30
CA THR D 73 14.70 2.78 9.31
C THR D 73 14.57 3.73 8.12
N VAL D 74 13.48 3.58 7.37
CA VAL D 74 13.27 4.41 6.20
C VAL D 74 13.17 5.91 6.47
N LYS D 75 12.40 6.30 7.48
CA LYS D 75 12.25 7.71 7.80
C LYS D 75 13.60 8.41 8.03
N PRO D 76 14.38 7.96 9.02
CA PRO D 76 15.68 8.62 9.23
C PRO D 76 16.63 8.47 8.04
N LEU D 77 16.47 7.38 7.29
CA LEU D 77 17.31 7.17 6.12
C LEU D 77 16.98 8.24 5.07
N LYS D 78 15.69 8.47 4.86
CA LYS D 78 15.24 9.47 3.90
C LYS D 78 15.73 10.86 4.31
N ALA D 79 15.76 11.13 5.62
CA ALA D 79 16.22 12.41 6.14
C ALA D 79 17.71 12.57 5.84
N LEU D 80 18.47 11.50 6.04
CA LEU D 80 19.90 11.53 5.78
C LEU D 80 20.17 11.75 4.29
N SER D 81 19.42 11.05 3.45
CA SER D 81 19.56 11.17 2.01
C SER D 81 19.34 12.62 1.60
N ALA D 82 18.37 13.27 2.24
CA ALA D 82 18.06 14.67 1.95
C ALA D 82 19.11 15.62 2.49
N LYS D 83 19.53 15.38 3.72
CA LYS D 83 20.52 16.21 4.38
C LYS D 83 21.89 16.21 3.70
N TYR D 84 22.37 15.03 3.32
CA TYR D 84 23.67 14.91 2.69
C TYR D 84 23.65 14.79 1.16
N ASN D 85 22.45 14.73 0.60
CA ASN D 85 22.28 14.65 -0.84
C ASN D 85 22.92 13.44 -1.52
N PHE D 86 22.25 12.31 -1.41
CA PHE D 86 22.69 11.07 -2.05
C PHE D 86 21.43 10.24 -2.28
N LEU D 87 21.48 9.32 -3.24
CA LEU D 87 20.31 8.49 -3.55
C LEU D 87 20.37 7.14 -2.86
N LEU D 88 19.23 6.45 -2.86
CA LEU D 88 19.11 5.14 -2.24
C LEU D 88 18.97 4.02 -3.27
N PHE D 89 19.76 2.97 -3.08
CA PHE D 89 19.76 1.81 -3.99
C PHE D 89 19.62 0.53 -3.15
N GLU D 90 18.47 -0.13 -3.22
CA GLU D 90 18.24 -1.36 -2.45
C GLU D 90 18.76 -2.60 -3.16
N ASN D 91 19.41 -3.47 -2.39
CA ASN D 91 20.02 -4.71 -2.88
C ASN D 91 19.11 -5.72 -3.56
N ARG D 92 17.91 -5.92 -3.02
CA ARG D 92 16.96 -6.91 -3.52
C ARG D 92 17.04 -7.15 -5.03
N LYS D 93 17.53 -8.33 -5.39
CA LYS D 93 17.69 -8.68 -6.79
C LYS D 93 16.42 -9.31 -7.34
N PHE D 94 15.53 -8.47 -7.86
CA PHE D 94 14.27 -8.96 -8.40
C PHE D 94 14.50 -9.95 -9.52
N ALA D 95 13.69 -11.01 -9.53
CA ALA D 95 13.84 -12.05 -10.54
C ALA D 95 12.52 -12.76 -10.85
N ASP D 96 11.46 -11.99 -11.09
CA ASP D 96 10.16 -12.57 -11.45
C ASP D 96 9.43 -11.53 -12.30
N ILE D 97 8.21 -11.87 -12.73
CA ILE D 97 7.41 -10.96 -13.55
C ILE D 97 5.98 -10.88 -13.02
N GLY D 98 5.14 -10.14 -13.74
CA GLY D 98 3.74 -10.00 -13.34
C GLY D 98 3.51 -9.37 -11.98
N ASN D 99 2.32 -9.60 -11.42
CA ASN D 99 1.98 -9.04 -10.12
C ASN D 99 2.90 -9.48 -8.99
N THR D 100 3.46 -10.69 -9.10
CA THR D 100 4.38 -11.16 -8.06
C THR D 100 5.56 -10.18 -7.93
N VAL D 101 6.23 -9.86 -9.03
CA VAL D 101 7.36 -8.96 -8.93
C VAL D 101 6.92 -7.54 -8.59
N LYS D 102 5.76 -7.13 -9.10
CA LYS D 102 5.26 -5.80 -8.79
C LYS D 102 5.05 -5.64 -7.29
N LEU D 103 4.48 -6.67 -6.67
CA LEU D 103 4.21 -6.64 -5.23
C LEU D 103 5.47 -6.82 -4.37
N GLN D 104 6.47 -7.52 -4.89
CA GLN D 104 7.70 -7.71 -4.16
C GLN D 104 8.46 -6.38 -4.09
N TYR D 105 8.21 -5.54 -5.09
CA TYR D 105 8.86 -4.24 -5.18
C TYR D 105 8.05 -3.14 -4.49
N SER D 106 6.73 -3.22 -4.62
CA SER D 106 5.86 -2.19 -4.06
C SER D 106 5.24 -2.43 -2.69
N ALA D 107 4.96 -3.68 -2.37
CA ALA D 107 4.30 -3.98 -1.11
C ALA D 107 5.11 -4.67 -0.05
N GLY D 108 4.45 -5.52 0.73
CA GLY D 108 5.12 -6.23 1.80
C GLY D 108 5.48 -5.29 2.92
N VAL D 109 6.34 -5.74 3.84
CA VAL D 109 6.75 -4.90 4.94
C VAL D 109 7.75 -3.84 4.49
N TYR D 110 8.57 -4.19 3.51
CA TYR D 110 9.61 -3.28 3.02
C TYR D 110 9.18 -2.14 2.12
N ARG D 111 8.13 -2.36 1.32
CA ARG D 111 7.62 -1.35 0.40
C ARG D 111 8.76 -0.57 -0.25
N ILE D 112 9.69 -1.32 -0.84
CA ILE D 112 10.88 -0.75 -1.47
C ILE D 112 10.66 0.39 -2.46
N ALA D 113 9.67 0.26 -3.34
CA ALA D 113 9.40 1.29 -4.34
C ALA D 113 9.05 2.65 -3.73
N GLU D 114 8.58 2.64 -2.50
CA GLU D 114 8.21 3.89 -1.83
C GLU D 114 9.39 4.75 -1.39
N TRP D 115 10.58 4.15 -1.28
CA TRP D 115 11.74 4.91 -0.84
C TRP D 115 13.04 4.72 -1.62
N ALA D 116 13.19 3.58 -2.29
CA ALA D 116 14.41 3.32 -3.05
C ALA D 116 14.42 3.97 -4.42
N ASP D 117 15.29 4.98 -4.60
CA ASP D 117 15.40 5.68 -5.86
C ASP D 117 15.74 4.71 -7.00
N ILE D 118 16.66 3.80 -6.70
CA ILE D 118 17.15 2.84 -7.67
C ILE D 118 17.07 1.40 -7.15
N THR D 119 16.80 0.47 -8.06
CA THR D 119 16.75 -0.95 -7.73
C THR D 119 17.44 -1.72 -8.85
N ASN D 120 17.58 -3.03 -8.68
CA ASN D 120 18.20 -3.86 -9.72
C ASN D 120 17.41 -5.13 -9.97
N ALA D 121 17.54 -5.67 -11.17
CA ALA D 121 16.82 -6.88 -11.55
C ALA D 121 17.65 -7.83 -12.41
N HIS D 122 17.37 -9.12 -12.30
CA HIS D 122 18.07 -10.11 -13.12
C HIS D 122 17.34 -10.12 -14.46
N GLY D 123 18.08 -10.10 -15.55
CA GLY D 123 17.43 -10.10 -16.85
C GLY D 123 16.95 -11.47 -17.35
N VAL D 124 17.32 -12.53 -16.65
CA VAL D 124 16.94 -13.87 -17.08
C VAL D 124 15.46 -14.09 -17.36
N VAL D 125 14.58 -13.46 -16.59
CA VAL D 125 13.14 -13.63 -16.79
C VAL D 125 12.58 -12.88 -18.01
N GLY D 126 13.43 -12.07 -18.66
CA GLY D 126 12.98 -11.34 -19.83
C GLY D 126 12.50 -9.92 -19.53
N PRO D 127 12.16 -9.14 -20.57
CA PRO D 127 11.68 -7.76 -20.43
C PRO D 127 10.48 -7.53 -19.52
N GLY D 128 9.74 -8.60 -19.23
CA GLY D 128 8.59 -8.47 -18.35
C GLY D 128 8.97 -7.91 -16.99
N ILE D 129 10.19 -8.16 -16.54
CA ILE D 129 10.61 -7.63 -15.24
C ILE D 129 10.74 -6.11 -15.33
N VAL D 130 11.20 -5.60 -16.47
CA VAL D 130 11.35 -4.17 -16.68
C VAL D 130 9.97 -3.49 -16.73
N SER D 131 9.08 -4.00 -17.57
CA SER D 131 7.74 -3.43 -17.69
C SER D 131 6.93 -3.55 -16.42
N GLY D 132 7.11 -4.67 -15.71
CA GLY D 132 6.39 -4.89 -14.47
C GLY D 132 6.85 -3.94 -13.37
N LEU D 133 8.17 -3.81 -13.21
CA LEU D 133 8.70 -2.92 -12.19
C LEU D 133 8.38 -1.47 -12.54
N LYS D 134 8.39 -1.13 -13.82
CA LYS D 134 8.10 0.24 -14.25
C LYS D 134 6.67 0.62 -13.86
N GLN D 135 5.73 -0.28 -14.12
CA GLN D 135 4.32 -0.02 -13.80
C GLN D 135 4.11 0.11 -12.29
N ALA D 136 4.80 -0.73 -11.52
CA ALA D 136 4.68 -0.70 -10.07
C ALA D 136 5.19 0.63 -9.53
N ALA D 137 6.32 1.08 -10.06
CA ALA D 137 6.90 2.36 -9.62
C ALA D 137 5.92 3.51 -9.86
N GLU D 138 5.38 3.56 -11.08
CA GLU D 138 4.43 4.61 -11.45
C GLU D 138 3.18 4.61 -10.59
N GLU D 139 2.74 3.42 -10.19
CA GLU D 139 1.55 3.29 -9.36
C GLU D 139 1.79 3.65 -7.91
N VAL D 140 3.05 3.51 -7.47
CA VAL D 140 3.40 3.81 -6.09
C VAL D 140 3.78 5.26 -5.81
N THR D 141 4.55 5.85 -6.71
CA THR D 141 5.00 7.23 -6.51
C THR D 141 5.22 8.00 -7.81
N LYS D 142 5.24 9.32 -7.71
CA LYS D 142 5.49 10.17 -8.86
C LYS D 142 6.96 10.57 -8.84
N GLU D 143 7.65 10.18 -7.78
CA GLU D 143 9.07 10.49 -7.63
C GLU D 143 9.88 9.65 -8.64
N PRO D 144 10.99 10.20 -9.14
CA PRO D 144 11.84 9.50 -10.11
C PRO D 144 12.31 8.14 -9.60
N ARG D 145 12.17 7.11 -10.44
CA ARG D 145 12.60 5.76 -10.09
C ARG D 145 13.40 5.18 -11.27
N GLY D 146 14.45 4.43 -10.97
CA GLY D 146 15.27 3.85 -12.03
C GLY D 146 15.66 2.42 -11.75
N LEU D 147 16.01 1.68 -12.80
CA LEU D 147 16.38 0.28 -12.65
C LEU D 147 17.72 -0.08 -13.29
N LEU D 148 18.51 -0.88 -12.58
CA LEU D 148 19.79 -1.35 -13.11
C LEU D 148 19.61 -2.82 -13.41
N MET D 149 20.15 -3.29 -14.54
CA MET D 149 20.07 -4.71 -14.85
C MET D 149 21.37 -5.33 -14.35
N LEU D 150 21.28 -6.53 -13.77
CA LEU D 150 22.45 -7.24 -13.25
C LEU D 150 23.07 -7.95 -14.44
N ALA D 151 23.84 -7.19 -15.22
CA ALA D 151 24.48 -7.69 -16.44
C ALA D 151 25.69 -8.59 -16.23
N GLU D 152 26.47 -8.32 -15.18
CA GLU D 152 27.64 -9.14 -14.89
C GLU D 152 27.80 -9.36 -13.40
N LEU D 153 27.63 -10.61 -12.96
CA LEU D 153 27.75 -10.94 -11.54
C LEU D 153 29.19 -11.30 -11.20
N SER D 154 29.52 -11.25 -9.91
CA SER D 154 30.87 -11.53 -9.46
C SER D 154 30.99 -12.76 -8.55
N CYS D 155 29.86 -13.36 -8.22
CA CYS D 155 29.88 -14.54 -7.36
C CYS D 155 30.43 -15.77 -8.09
N LYS D 156 31.04 -16.66 -7.31
CA LYS D 156 31.64 -17.89 -7.83
C LYS D 156 30.65 -18.76 -8.61
N GLY D 157 31.05 -19.14 -9.81
CA GLY D 157 30.21 -19.98 -10.64
C GLY D 157 29.00 -19.31 -11.27
N SER D 158 28.99 -17.98 -11.28
CA SER D 158 27.88 -17.23 -11.87
C SER D 158 27.72 -17.55 -13.35
N LEU D 159 26.50 -17.42 -13.86
CA LEU D 159 26.22 -17.72 -15.27
C LEU D 159 26.07 -16.50 -16.18
N ALA D 160 26.46 -15.33 -15.68
CA ALA D 160 26.37 -14.09 -16.45
C ALA D 160 27.49 -14.06 -17.48
N THR D 161 27.39 -14.95 -18.46
CA THR D 161 28.37 -15.09 -19.53
C THR D 161 28.24 -13.98 -20.56
N GLY D 162 29.06 -14.07 -21.60
CA GLY D 162 29.02 -13.06 -22.65
C GLY D 162 27.67 -13.02 -23.34
N GLU D 163 27.07 -14.17 -23.59
CA GLU D 163 25.79 -14.24 -24.27
C GLU D 163 24.66 -13.73 -23.36
N TYR D 164 24.74 -14.07 -22.08
CA TYR D 164 23.74 -13.65 -21.10
C TYR D 164 23.80 -12.13 -20.97
N THR D 165 25.02 -11.59 -20.87
CA THR D 165 25.22 -10.16 -20.74
C THR D 165 24.66 -9.44 -21.97
N LYS D 166 24.91 -10.01 -23.14
CA LYS D 166 24.42 -9.43 -24.39
C LYS D 166 22.89 -9.40 -24.35
N GLY D 167 22.28 -10.49 -23.92
CA GLY D 167 20.83 -10.57 -23.84
C GLY D 167 20.30 -9.54 -22.86
N THR D 168 21.05 -9.32 -21.77
CA THR D 168 20.67 -8.37 -20.75
C THR D 168 20.72 -6.94 -21.29
N VAL D 169 21.76 -6.64 -22.06
CA VAL D 169 21.89 -5.31 -22.64
C VAL D 169 20.73 -5.07 -23.60
N ASP D 170 20.34 -6.11 -24.35
CA ASP D 170 19.23 -5.98 -25.28
C ASP D 170 17.95 -5.64 -24.54
N ILE D 171 17.74 -6.29 -23.40
CA ILE D 171 16.55 -6.01 -22.61
C ILE D 171 16.57 -4.55 -22.17
N ALA D 172 17.73 -4.08 -21.73
CA ALA D 172 17.89 -2.70 -21.29
C ALA D 172 17.48 -1.71 -22.38
N LYS D 173 17.77 -2.04 -23.63
CA LYS D 173 17.43 -1.15 -24.74
C LYS D 173 15.93 -0.95 -24.91
N SER D 174 15.11 -1.81 -24.29
CA SER D 174 13.66 -1.69 -24.42
C SER D 174 13.07 -0.49 -23.69
N ASP D 175 13.84 0.12 -22.79
CA ASP D 175 13.32 1.26 -22.05
C ASP D 175 14.44 2.14 -21.51
N LYS D 176 14.88 3.11 -22.29
CA LYS D 176 15.95 3.99 -21.84
C LYS D 176 15.48 4.98 -20.79
N ASP D 177 14.16 5.11 -20.64
CA ASP D 177 13.59 6.01 -19.66
C ASP D 177 13.66 5.44 -18.24
N PHE D 178 13.50 4.12 -18.13
CA PHE D 178 13.50 3.45 -16.83
C PHE D 178 14.79 2.68 -16.51
N VAL D 179 15.36 2.00 -17.51
CA VAL D 179 16.60 1.25 -17.26
C VAL D 179 17.76 2.23 -17.44
N ILE D 180 18.35 2.64 -16.34
CA ILE D 180 19.43 3.62 -16.36
C ILE D 180 20.83 3.06 -16.50
N GLY D 181 20.96 1.74 -16.39
CA GLY D 181 22.28 1.18 -16.51
C GLY D 181 22.41 -0.25 -16.03
N PHE D 182 23.64 -0.59 -15.63
CA PHE D 182 23.94 -1.95 -15.19
C PHE D 182 24.88 -2.01 -14.00
N ILE D 183 24.86 -3.19 -13.39
CA ILE D 183 25.77 -3.54 -12.33
C ILE D 183 26.64 -4.41 -13.23
N ALA D 184 27.88 -3.99 -13.47
CA ALA D 184 28.77 -4.75 -14.35
C ALA D 184 30.22 -4.44 -14.02
N GLN D 185 31.12 -5.18 -14.66
CA GLN D 185 32.55 -5.02 -14.45
C GLN D 185 33.25 -4.26 -15.56
N ARG D 186 32.53 -3.98 -16.64
CA ARG D 186 33.12 -3.26 -17.77
C ARG D 186 32.10 -2.43 -18.53
N ASP D 187 32.58 -1.69 -19.53
CA ASP D 187 31.72 -0.86 -20.34
C ASP D 187 30.79 -1.75 -21.16
N MET D 188 29.53 -1.33 -21.30
CA MET D 188 28.55 -2.09 -22.05
C MET D 188 28.24 -1.42 -23.38
N GLY D 189 29.09 -0.47 -23.77
CA GLY D 189 28.90 0.25 -25.03
C GLY D 189 27.58 1.00 -25.04
N GLY D 190 26.91 1.00 -26.20
CA GLY D 190 25.63 1.67 -26.32
C GLY D 190 25.60 3.10 -26.86
N ARG D 191 26.70 3.83 -26.67
CA ARG D 191 26.77 5.22 -27.09
C ARG D 191 26.45 5.47 -28.58
N ASP D 192 26.93 4.60 -29.45
CA ASP D 192 26.65 4.76 -30.89
C ASP D 192 25.17 4.56 -31.21
N GLU D 193 24.44 3.95 -30.28
CA GLU D 193 23.02 3.69 -30.50
C GLU D 193 22.10 4.67 -29.76
N GLY D 194 22.68 5.62 -29.05
CA GLY D 194 21.87 6.60 -28.34
C GLY D 194 21.52 6.22 -26.92
N TYR D 195 22.32 5.34 -26.33
CA TYR D 195 22.10 4.92 -24.96
C TYR D 195 23.24 5.45 -24.11
N ASP D 196 22.92 5.92 -22.90
CA ASP D 196 23.92 6.45 -21.98
C ASP D 196 23.72 5.70 -20.67
N TRP D 197 24.38 4.56 -20.55
CA TRP D 197 24.22 3.73 -19.37
C TRP D 197 25.21 3.95 -18.24
N LEU D 198 24.67 4.00 -17.03
CA LEU D 198 25.46 4.14 -15.82
C LEU D 198 26.07 2.77 -15.56
N ILE D 199 27.37 2.73 -15.34
CA ILE D 199 28.03 1.46 -15.05
C ILE D 199 28.47 1.50 -13.60
N MET D 200 27.81 0.68 -12.78
CA MET D 200 28.17 0.64 -11.36
C MET D 200 28.90 -0.67 -11.12
N THR D 201 30.09 -0.56 -10.56
CA THR D 201 30.94 -1.72 -10.34
C THR D 201 31.28 -2.06 -8.90
N PRO D 202 30.84 -3.25 -8.44
CA PRO D 202 31.10 -3.71 -7.07
C PRO D 202 32.44 -4.45 -7.04
N GLY D 203 32.86 -4.87 -5.85
CA GLY D 203 34.12 -5.58 -5.73
C GLY D 203 35.33 -4.69 -5.94
N VAL D 204 35.20 -3.43 -5.50
CA VAL D 204 36.29 -2.48 -5.65
C VAL D 204 37.02 -2.25 -4.34
N GLY D 205 38.34 -2.25 -4.40
CA GLY D 205 39.15 -2.04 -3.21
C GLY D 205 40.57 -1.63 -3.55
N ARG D 218 39.16 -5.67 -7.44
CA ARG D 218 39.89 -4.83 -8.37
C ARG D 218 40.12 -3.43 -7.77
N THR D 219 41.14 -2.73 -8.25
CA THR D 219 41.46 -1.40 -7.74
C THR D 219 40.58 -0.32 -8.36
N VAL D 220 40.51 0.82 -7.69
CA VAL D 220 39.71 1.94 -8.19
C VAL D 220 40.21 2.36 -9.57
N ASP D 221 41.51 2.62 -9.68
CA ASP D 221 42.10 3.03 -10.96
C ASP D 221 41.73 2.05 -12.06
N ASP D 222 41.81 0.76 -11.75
CA ASP D 222 41.52 -0.28 -12.70
C ASP D 222 40.08 -0.20 -13.25
N VAL D 223 39.08 -0.25 -12.37
CA VAL D 223 37.70 -0.22 -12.82
C VAL D 223 37.29 1.09 -13.51
N VAL D 224 37.71 2.22 -12.95
CA VAL D 224 37.35 3.50 -13.54
C VAL D 224 37.97 3.66 -14.93
N SER D 225 39.17 3.12 -15.10
CA SER D 225 39.87 3.18 -16.38
C SER D 225 39.18 2.32 -17.43
N THR D 226 38.50 1.27 -16.98
CA THR D 226 37.81 0.37 -17.90
C THR D 226 36.38 0.81 -18.24
N GLY D 227 35.97 1.96 -17.70
CA GLY D 227 34.63 2.45 -18.00
C GLY D 227 33.62 2.53 -16.88
N SER D 228 34.00 2.20 -15.66
CA SER D 228 33.05 2.26 -14.55
C SER D 228 32.74 3.71 -14.20
N ASP D 229 31.46 4.01 -14.00
CA ASP D 229 31.03 5.36 -13.66
C ASP D 229 30.91 5.51 -12.15
N ILE D 230 30.57 4.42 -11.49
CA ILE D 230 30.45 4.44 -10.05
C ILE D 230 31.13 3.23 -9.43
N ILE D 231 31.90 3.45 -8.36
CA ILE D 231 32.55 2.35 -7.68
C ILE D 231 31.73 2.00 -6.44
N ILE D 232 31.42 0.71 -6.31
CA ILE D 232 30.65 0.22 -5.17
C ILE D 232 31.60 -0.47 -4.21
N VAL D 233 31.77 0.14 -3.04
CA VAL D 233 32.67 -0.37 -2.02
C VAL D 233 31.87 -0.75 -0.77
N GLY D 234 32.12 -1.94 -0.23
CA GLY D 234 31.42 -2.38 0.95
C GLY D 234 32.26 -2.36 2.22
N ARG D 235 32.57 -3.55 2.72
CA ARG D 235 33.35 -3.75 3.94
C ARG D 235 34.62 -2.91 4.01
N GLY D 236 35.24 -2.67 2.85
CA GLY D 236 36.46 -1.90 2.81
C GLY D 236 36.32 -0.50 3.39
N LEU D 237 35.08 -0.07 3.61
CA LEU D 237 34.81 1.25 4.16
C LEU D 237 34.57 1.28 5.67
N PHE D 238 34.09 0.17 6.23
CA PHE D 238 33.76 0.17 7.66
C PHE D 238 34.15 -1.03 8.52
N ALA D 239 34.53 -2.15 7.92
CA ALA D 239 34.89 -3.33 8.70
C ALA D 239 36.30 -3.25 9.27
N LYS D 240 36.65 -4.26 10.07
CA LYS D 240 37.97 -4.36 10.68
C LYS D 240 38.43 -3.13 11.46
N GLY D 241 37.53 -2.50 12.19
CA GLY D 241 37.90 -1.34 12.97
C GLY D 241 38.25 -0.10 12.16
N ARG D 242 37.92 -0.10 10.87
CA ARG D 242 38.21 1.05 10.04
C ARG D 242 37.32 2.23 10.42
N ASP D 243 37.79 3.44 10.12
CA ASP D 243 37.04 4.66 10.40
C ASP D 243 36.34 5.00 9.09
N ALA D 244 35.02 4.79 9.05
CA ALA D 244 34.22 5.03 7.86
C ALA D 244 34.35 6.45 7.28
N LYS D 245 34.46 7.45 8.15
CA LYS D 245 34.60 8.82 7.68
C LYS D 245 35.87 8.92 6.83
N VAL D 246 36.98 8.47 7.41
CA VAL D 246 38.28 8.48 6.75
C VAL D 246 38.29 7.65 5.46
N GLU D 247 37.73 6.45 5.52
CA GLU D 247 37.72 5.58 4.35
C GLU D 247 36.83 6.19 3.27
N GLY D 248 35.75 6.83 3.67
CA GLY D 248 34.87 7.45 2.71
C GLY D 248 35.62 8.48 1.90
N GLU D 249 36.45 9.28 2.55
CA GLU D 249 37.21 10.31 1.86
C GLU D 249 38.31 9.69 1.00
N ARG D 250 38.96 8.64 1.52
CA ARG D 250 40.02 7.99 0.76
C ARG D 250 39.50 7.41 -0.55
N TYR D 251 38.39 6.69 -0.50
CA TYR D 251 37.84 6.11 -1.71
C TYR D 251 37.26 7.16 -2.64
N ARG D 252 36.63 8.19 -2.08
CA ARG D 252 36.06 9.25 -2.91
C ARG D 252 37.17 9.90 -3.72
N LYS D 253 38.26 10.26 -3.05
CA LYS D 253 39.39 10.90 -3.72
C LYS D 253 39.94 10.04 -4.84
N ALA D 254 40.15 8.76 -4.55
CA ALA D 254 40.68 7.82 -5.53
C ALA D 254 39.76 7.68 -6.73
N GLY D 255 38.46 7.56 -6.48
CA GLY D 255 37.51 7.44 -7.57
C GLY D 255 37.38 8.69 -8.40
N TRP D 256 37.33 9.85 -7.73
CA TRP D 256 37.21 11.11 -8.44
C TRP D 256 38.45 11.40 -9.29
N GLU D 257 39.63 11.21 -8.71
CA GLU D 257 40.87 11.46 -9.45
C GLU D 257 40.98 10.52 -10.65
N ALA D 258 40.56 9.27 -10.48
CA ALA D 258 40.62 8.31 -11.58
C ALA D 258 39.73 8.82 -12.70
N TYR D 259 38.56 9.36 -12.32
CA TYR D 259 37.59 9.90 -13.26
C TYR D 259 38.14 11.11 -14.01
N LEU D 260 38.82 11.99 -13.27
CA LEU D 260 39.38 13.18 -13.89
C LEU D 260 40.46 12.80 -14.91
N ARG D 261 41.17 11.72 -14.65
CA ARG D 261 42.22 11.28 -15.56
C ARG D 261 41.72 10.70 -16.88
N ARG D 262 40.69 9.86 -16.85
CA ARG D 262 40.21 9.27 -18.09
C ARG D 262 39.69 10.31 -19.08
N CYS D 263 39.97 10.05 -20.36
CA CYS D 263 39.60 10.95 -21.45
C CYS D 263 38.09 11.08 -21.68
N GLY D 264 37.63 12.33 -21.75
CA GLY D 264 36.22 12.58 -21.98
C GLY D 264 35.92 12.80 -23.45
N GLN D 265 34.64 12.71 -23.81
CA GLN D 265 34.24 12.90 -25.20
C GLN D 265 34.36 14.38 -25.56
N GLN D 266 35.26 14.68 -26.48
CA GLN D 266 35.49 16.06 -26.91
C GLN D 266 34.83 16.34 -28.25
#